data_7PSD
#
_entry.id   7PSD
#
_cell.length_a   1.00
_cell.length_b   1.00
_cell.length_c   1.00
_cell.angle_alpha   90.00
_cell.angle_beta   90.00
_cell.angle_gamma   90.00
#
_symmetry.space_group_name_H-M   'P 1'
#
_entity_poly.entity_id   1
_entity_poly.type   'polypeptide(L)'
_entity_poly.pdbx_seq_one_letter_code
;MSPRSRLLASSLRGGLLLRPCSARRSTLLNPSPSPLRKAIFHTTSLRAFKNLAEIATSSKEDASSLKPKGKPSPPGDPLA
TIEKTAAEQRRADWAIIKQMSRYLWPKDSWSDKARVLLALSLLVGGKVLNVHVPFYFREIIDRLNIDVAAVGGTVSAVAG
AVIFAYGASRIGAVVSQELRNAVFSSVAQKAIRRVATQTFGHLLNLDLSFHLSKQTGGLTRAIDRGTKGISYLLTSMVFH
IVPTALEIGMVCGILTYQFGWEFAAITAATMAAYTAFTITTTAWRTKFRRQANAADNAASTVAVDSLINYEAVKYFNNEA
YEIARYDKALQAYERSSIKVATSLAFLNSGQNIIFSSALTLMMWLGARGVLAGDLSVGDLVLINQLVFQLSVPLNFLGSV
YRELRQSLLDMETLFDLQKVNVTIREAPNAKPLALPKGGEIRFENVTFGYYPDRPILRNLSLTIPAGKKVAVVGPSGCGK
STLLRLLFRSYDPQQGKIFIDDQDIKSVTLESLRKSIGVVPQDTPLFNDTVELNIRYGNVNATQEQVIAAAQKAHIHEKI
ISWPHGYQTRVGERGLMISGGEKQRLAVSRLILKDPPLLFFDQATSALDTHTEQALMANINEVVKEKKRTALFVAHRLRT
IYDADLIIVLKEGVVVEQGSHRELMERDGVYAELWMAQEMLHQGEAAEEPAEGEKAEEKK
;
_entity_poly.pdbx_strand_id   B,A
#
# COMPACT_ATOMS: atom_id res chain seq x y z
N ALA A 95 15.32 26.21 -3.66
CA ALA A 95 15.82 27.42 -3.02
C ALA A 95 17.33 27.32 -2.82
N ILE A 96 17.79 27.67 -1.61
CA ILE A 96 19.16 27.39 -1.20
C ILE A 96 19.36 25.89 -1.06
N ILE A 97 18.26 25.17 -0.81
CA ILE A 97 18.29 23.72 -0.74
C ILE A 97 18.70 23.12 -2.09
N LYS A 98 18.24 23.74 -3.17
CA LYS A 98 18.56 23.25 -4.50
C LYS A 98 20.05 23.35 -4.77
N GLN A 99 20.68 24.46 -4.41
CA GLN A 99 22.11 24.56 -4.61
C GLN A 99 22.86 23.67 -3.63
N MET A 100 22.30 23.51 -2.42
CA MET A 100 22.93 22.67 -1.40
C MET A 100 23.08 21.24 -1.87
N SER A 101 22.08 20.72 -2.57
CA SER A 101 22.26 19.42 -3.19
C SER A 101 23.07 19.55 -4.48
N ARG A 102 22.55 20.30 -5.45
CA ARG A 102 22.97 20.22 -6.84
C ARG A 102 24.37 20.75 -7.09
N TYR A 103 24.99 21.38 -6.10
CA TYR A 103 26.36 21.83 -6.34
C TYR A 103 27.29 21.21 -5.33
N LEU A 104 26.79 20.24 -4.58
CA LEU A 104 27.62 19.53 -3.62
C LEU A 104 27.70 18.05 -3.87
N TRP A 105 26.61 17.38 -4.10
CA TRP A 105 26.69 15.92 -4.21
C TRP A 105 27.09 15.42 -5.59
N PRO A 106 26.54 15.94 -6.71
CA PRO A 106 26.99 15.41 -8.00
C PRO A 106 28.41 15.80 -8.38
N LYS A 107 29.04 16.72 -7.67
CA LYS A 107 30.40 17.18 -7.99
C LYS A 107 31.36 16.82 -6.86
N ASP A 108 31.88 15.60 -6.84
CA ASP A 108 32.87 15.26 -5.81
C ASP A 108 34.19 14.67 -6.29
N SER A 109 34.15 13.75 -7.26
CA SER A 109 35.33 13.02 -7.69
C SER A 109 35.64 13.38 -9.13
N TRP A 110 36.54 12.61 -9.75
CA TRP A 110 36.70 12.80 -11.19
C TRP A 110 35.67 11.99 -11.95
N SER A 111 35.58 10.70 -11.68
CA SER A 111 34.74 9.82 -12.48
C SER A 111 33.28 10.28 -12.45
N ASP A 112 32.80 10.66 -11.27
CA ASP A 112 31.42 11.12 -11.17
C ASP A 112 31.23 12.44 -11.92
N LYS A 113 32.19 13.36 -11.84
CA LYS A 113 32.06 14.58 -12.64
C LYS A 113 32.06 14.24 -14.11
N ALA A 114 32.84 13.25 -14.51
CA ALA A 114 32.85 12.82 -15.90
C ALA A 114 31.49 12.33 -16.31
N ARG A 115 30.86 11.52 -15.47
CA ARG A 115 29.55 11.01 -15.82
C ARG A 115 28.52 12.12 -15.88
N VAL A 116 28.68 13.17 -15.07
CA VAL A 116 27.74 14.27 -15.18
C VAL A 116 27.91 14.96 -16.52
N LEU A 117 29.14 15.22 -16.92
CA LEU A 117 29.35 15.92 -18.18
C LEU A 117 28.93 15.07 -19.35
N LEU A 118 29.19 13.77 -19.28
CA LEU A 118 28.70 12.86 -20.30
C LEU A 118 27.20 12.97 -20.42
N ALA A 119 26.48 12.94 -19.30
CA ALA A 119 25.04 13.04 -19.37
C ALA A 119 24.62 14.34 -20.01
N LEU A 120 25.25 15.44 -19.63
CA LEU A 120 24.82 16.73 -20.16
C LEU A 120 25.13 16.82 -21.64
N SER A 121 26.26 16.26 -22.06
CA SER A 121 26.58 16.28 -23.48
C SER A 121 25.54 15.49 -24.24
N LEU A 122 25.17 14.31 -23.72
CA LEU A 122 24.15 13.52 -24.38
C LEU A 122 22.83 14.26 -24.42
N LEU A 123 22.53 15.03 -23.38
CA LEU A 123 21.32 15.82 -23.38
C LEU A 123 21.31 16.74 -24.58
N VAL A 124 22.35 17.56 -24.72
CA VAL A 124 22.38 18.52 -25.82
C VAL A 124 22.51 17.79 -27.13
N GLY A 125 23.26 16.69 -27.16
CA GLY A 125 23.44 15.98 -28.40
C GLY A 125 22.13 15.40 -28.88
N GLY A 126 21.36 14.84 -27.96
CA GLY A 126 20.07 14.32 -28.34
C GLY A 126 19.19 15.40 -28.90
N LYS A 127 19.18 16.57 -28.27
CA LYS A 127 18.26 17.58 -28.76
C LYS A 127 18.70 18.12 -30.10
N VAL A 128 20.01 18.15 -30.37
CA VAL A 128 20.46 18.57 -31.67
C VAL A 128 20.02 17.57 -32.73
N LEU A 129 20.21 16.29 -32.46
CA LEU A 129 19.76 15.30 -33.42
C LEU A 129 18.26 15.35 -33.58
N ASN A 130 17.57 15.72 -32.51
CA ASN A 130 16.13 15.76 -32.56
C ASN A 130 15.67 16.80 -33.57
N VAL A 131 16.27 17.99 -33.51
CA VAL A 131 15.83 19.02 -34.43
C VAL A 131 16.47 18.83 -35.79
N HIS A 132 17.33 17.84 -35.96
CA HIS A 132 17.76 17.50 -37.29
C HIS A 132 16.87 16.49 -37.98
N VAL A 133 15.99 15.81 -37.26
CA VAL A 133 15.07 14.90 -37.94
C VAL A 133 14.13 15.64 -38.89
N PRO A 134 13.43 16.71 -38.49
CA PRO A 134 12.62 17.43 -39.48
C PRO A 134 13.40 18.05 -40.60
N PHE A 135 14.60 18.54 -40.33
CA PHE A 135 15.39 19.18 -41.37
C PHE A 135 15.78 18.20 -42.45
N TYR A 136 16.21 17.02 -42.08
CA TYR A 136 16.50 16.04 -43.11
C TYR A 136 15.25 15.61 -43.83
N PHE A 137 14.11 15.63 -43.13
CA PHE A 137 12.86 15.31 -43.82
C PHE A 137 12.55 16.34 -44.89
N ARG A 138 12.75 17.64 -44.62
CA ARG A 138 12.51 18.60 -45.68
C ARG A 138 13.55 18.46 -46.75
N GLU A 139 14.77 18.05 -46.40
CA GLU A 139 15.76 17.87 -47.44
C GLU A 139 15.33 16.78 -48.41
N ILE A 140 14.81 15.68 -47.87
CA ILE A 140 14.32 14.61 -48.73
C ILE A 140 13.24 15.16 -49.66
N ILE A 141 12.28 15.90 -49.09
CA ILE A 141 11.21 16.44 -49.93
C ILE A 141 11.78 17.34 -50.99
N ASP A 142 12.65 18.24 -50.60
CA ASP A 142 13.12 19.24 -51.53
C ASP A 142 14.12 18.70 -52.52
N ARG A 143 14.59 17.48 -52.34
CA ARG A 143 15.49 16.90 -53.32
C ARG A 143 14.78 15.99 -54.29
N LEU A 144 13.58 15.52 -53.96
CA LEU A 144 12.81 14.74 -54.90
C LEU A 144 11.77 15.59 -55.60
N ASN A 145 11.59 16.82 -55.17
CA ASN A 145 10.64 17.74 -55.77
C ASN A 145 11.32 18.44 -56.94
N ILE A 146 11.63 17.65 -57.95
CA ILE A 146 12.36 18.10 -59.12
C ILE A 146 11.61 17.68 -60.38
N ASP A 147 12.15 18.05 -61.53
CA ASP A 147 11.59 17.58 -62.79
C ASP A 147 11.98 16.14 -63.04
N VAL A 148 11.23 15.20 -62.45
CA VAL A 148 11.59 13.80 -62.30
C VAL A 148 11.93 13.15 -63.63
N ALA A 149 11.09 13.40 -64.63
CA ALA A 149 11.30 12.79 -65.94
C ALA A 149 12.52 13.36 -66.65
N ALA A 150 13.04 14.48 -66.14
CA ALA A 150 14.09 15.22 -66.85
C ALA A 150 15.45 15.15 -66.18
N VAL A 151 15.53 15.05 -64.85
CA VAL A 151 16.83 15.23 -64.20
C VAL A 151 17.24 14.06 -63.29
N GLY A 152 16.39 13.68 -62.34
CA GLY A 152 16.81 12.74 -61.32
C GLY A 152 16.76 11.30 -61.78
N GLY A 153 17.80 10.54 -61.44
CA GLY A 153 17.89 9.19 -61.95
C GLY A 153 17.64 8.05 -60.98
N THR A 154 18.25 8.09 -59.81
CA THR A 154 18.10 7.02 -58.82
C THR A 154 18.04 7.64 -57.45
N VAL A 155 17.29 7.03 -56.54
CA VAL A 155 17.54 7.25 -55.14
C VAL A 155 18.90 6.63 -54.85
N SER A 156 19.58 7.10 -53.80
CA SER A 156 20.96 6.82 -53.42
C SER A 156 21.91 7.67 -54.25
N ALA A 157 21.37 8.49 -55.08
CA ALA A 157 22.13 9.53 -55.77
C ALA A 157 21.41 10.86 -55.71
N VAL A 158 20.08 10.83 -55.59
CA VAL A 158 19.31 12.05 -55.44
C VAL A 158 19.10 12.37 -53.98
N ALA A 159 18.59 11.41 -53.23
CA ALA A 159 18.32 11.67 -51.82
C ALA A 159 18.70 10.53 -50.90
N GLY A 160 19.62 9.65 -51.28
CA GLY A 160 19.95 8.54 -50.40
C GLY A 160 20.66 8.98 -49.15
N ALA A 161 21.53 9.98 -49.27
CA ALA A 161 22.27 10.46 -48.12
C ALA A 161 21.33 11.01 -47.06
N VAL A 162 20.35 11.83 -47.46
CA VAL A 162 19.47 12.40 -46.47
C VAL A 162 18.37 11.43 -46.06
N ILE A 163 18.05 10.43 -46.88
CA ILE A 163 17.14 9.40 -46.40
C ILE A 163 17.78 8.61 -45.28
N PHE A 164 19.06 8.27 -45.42
CA PHE A 164 19.78 7.64 -44.32
C PHE A 164 20.00 8.57 -43.15
N ALA A 165 20.26 9.85 -43.39
CA ALA A 165 20.49 10.76 -42.28
C ALA A 165 19.22 11.04 -41.52
N TYR A 166 18.08 10.97 -42.18
CA TYR A 166 16.81 11.10 -41.48
C TYR A 166 16.66 10.00 -40.46
N GLY A 167 16.86 8.75 -40.87
CA GLY A 167 16.74 7.65 -39.95
C GLY A 167 17.80 7.64 -38.88
N ALA A 168 19.03 8.02 -39.24
CA ALA A 168 20.09 8.05 -38.25
C ALA A 168 19.83 9.13 -37.21
N SER A 169 19.35 10.30 -37.60
CA SER A 169 19.02 11.32 -36.63
C SER A 169 17.86 10.90 -35.77
N ARG A 170 16.91 10.19 -36.35
CA ARG A 170 15.75 9.70 -35.62
C ARG A 170 16.15 8.70 -34.52
N ILE A 171 16.92 7.68 -34.92
CA ILE A 171 17.44 6.68 -34.00
C ILE A 171 18.37 7.29 -32.98
N GLY A 172 19.28 8.17 -33.42
CA GLY A 172 20.22 8.76 -32.50
C GLY A 172 19.58 9.70 -31.52
N ALA A 173 18.53 10.39 -31.93
CA ALA A 173 17.87 11.31 -31.02
C ALA A 173 17.14 10.60 -29.93
N VAL A 174 16.71 9.35 -30.16
CA VAL A 174 16.15 8.62 -29.01
C VAL A 174 17.22 7.84 -28.24
N VAL A 175 18.24 7.32 -28.90
CA VAL A 175 19.28 6.60 -28.20
C VAL A 175 20.05 7.53 -27.28
N SER A 176 20.18 8.80 -27.67
CA SER A 176 20.84 9.77 -26.80
C SER A 176 19.99 10.10 -25.59
N GLN A 177 18.67 10.17 -25.73
CA GLN A 177 17.84 10.32 -24.54
C GLN A 177 18.00 9.15 -23.62
N GLU A 178 17.97 7.94 -24.15
CA GLU A 178 17.97 6.81 -23.27
C GLU A 178 19.32 6.62 -22.61
N LEU A 179 20.40 6.94 -23.30
CA LEU A 179 21.71 6.89 -22.66
C LEU A 179 21.89 8.02 -21.66
N ARG A 180 21.31 9.19 -21.92
CA ARG A 180 21.35 10.26 -20.94
C ARG A 180 20.61 9.87 -19.68
N ASN A 181 19.44 9.26 -19.84
CA ASN A 181 18.69 8.82 -18.67
C ASN A 181 19.42 7.72 -17.92
N ALA A 182 20.00 6.76 -18.63
CA ALA A 182 20.66 5.65 -17.96
C ALA A 182 21.95 6.07 -17.29
N VAL A 183 22.60 7.12 -17.78
CA VAL A 183 23.82 7.61 -17.14
C VAL A 183 23.49 8.52 -15.96
N PHE A 184 22.51 9.41 -16.12
CA PHE A 184 22.20 10.26 -15.01
C PHE A 184 21.44 9.54 -13.92
N SER A 185 20.81 8.41 -14.20
CA SER A 185 20.25 7.65 -13.09
C SER A 185 21.35 7.11 -12.22
N SER A 186 22.47 6.71 -12.82
CA SER A 186 23.63 6.30 -12.04
C SER A 186 24.20 7.45 -11.23
N VAL A 187 24.32 8.62 -11.86
CA VAL A 187 24.85 9.78 -11.14
C VAL A 187 23.96 10.14 -9.96
N ALA A 188 22.66 10.19 -10.20
CA ALA A 188 21.73 10.50 -9.13
C ALA A 188 21.81 9.48 -8.03
N GLN A 189 21.83 8.19 -8.37
CA GLN A 189 21.85 7.15 -7.35
C GLN A 189 23.09 7.24 -6.50
N LYS A 190 24.23 7.57 -7.06
CA LYS A 190 25.40 7.69 -6.20
C LYS A 190 25.30 8.94 -5.32
N ALA A 191 24.69 10.01 -5.81
CA ALA A 191 24.53 11.19 -4.97
C ALA A 191 23.58 10.93 -3.80
N ILE A 192 22.43 10.29 -4.06
CA ILE A 192 21.57 9.82 -2.98
C ILE A 192 22.24 8.81 -2.06
N ARG A 193 23.08 7.91 -2.57
CA ARG A 193 23.75 7.03 -1.63
C ARG A 193 24.65 7.80 -0.69
N ARG A 194 25.40 8.77 -1.21
CA ARG A 194 26.25 9.56 -0.32
C ARG A 194 25.44 10.36 0.69
N VAL A 195 24.34 10.97 0.24
CA VAL A 195 23.51 11.76 1.15
C VAL A 195 22.91 10.88 2.23
N ALA A 196 22.34 9.73 1.85
CA ALA A 196 21.69 8.86 2.82
C ALA A 196 22.69 8.28 3.80
N THR A 197 23.87 7.86 3.33
CA THR A 197 24.81 7.26 4.26
C THR A 197 25.41 8.30 5.19
N GLN A 198 25.61 9.53 4.72
CA GLN A 198 26.08 10.55 5.63
C GLN A 198 25.02 10.93 6.66
N THR A 199 23.78 11.08 6.23
CA THR A 199 22.74 11.46 7.17
C THR A 199 22.54 10.38 8.22
N PHE A 200 22.57 9.12 7.81
CA PHE A 200 22.40 8.05 8.77
C PHE A 200 23.58 7.99 9.73
N GLY A 201 24.80 8.26 9.25
CA GLY A 201 25.92 8.35 10.16
C GLY A 201 25.77 9.48 11.17
N HIS A 202 25.25 10.60 10.70
CA HIS A 202 24.99 11.71 11.60
C HIS A 202 23.94 11.36 12.65
N LEU A 203 22.89 10.63 12.23
CA LEU A 203 21.86 10.24 13.19
C LEU A 203 22.43 9.32 14.25
N LEU A 204 23.26 8.38 13.85
CA LEU A 204 23.91 7.56 14.87
C LEU A 204 24.84 8.34 15.75
N ASN A 205 25.36 9.47 15.28
CA ASN A 205 26.14 10.35 16.15
C ASN A 205 25.29 11.08 17.17
N LEU A 206 24.04 11.39 16.86
CA LEU A 206 23.21 12.23 17.71
C LEU A 206 22.91 11.57 19.04
N ASP A 207 22.63 12.38 20.05
CA ASP A 207 22.54 11.88 21.41
C ASP A 207 21.26 11.13 21.67
N LEU A 208 21.27 10.37 22.78
CA LEU A 208 20.14 9.58 23.19
C LEU A 208 18.90 10.42 23.43
N SER A 209 19.08 11.66 23.87
CA SER A 209 17.93 12.52 24.14
C SER A 209 17.15 12.78 22.87
N PHE A 210 17.84 13.05 21.76
CA PHE A 210 17.14 13.25 20.50
C PHE A 210 16.47 11.98 20.03
N HIS A 211 17.14 10.84 20.19
CA HIS A 211 16.58 9.60 19.67
C HIS A 211 15.39 9.15 20.49
N LEU A 212 15.31 9.57 21.74
CA LEU A 212 14.18 9.18 22.57
C LEU A 212 12.94 10.01 22.33
N SER A 213 13.07 11.18 21.69
CA SER A 213 11.94 12.03 21.37
C SER A 213 11.55 11.94 19.91
N LYS A 214 11.68 10.77 19.30
CA LYS A 214 11.28 10.57 17.91
C LYS A 214 10.56 9.24 17.79
N GLN A 215 9.73 9.14 16.75
CA GLN A 215 9.04 7.90 16.48
C GLN A 215 10.03 6.86 15.96
N THR A 216 9.65 5.58 16.12
CA THR A 216 10.52 4.46 15.75
C THR A 216 10.88 4.49 14.27
N GLY A 217 9.88 4.64 13.41
CA GLY A 217 10.12 4.68 11.99
C GLY A 217 10.15 6.09 11.46
N GLY A 218 10.03 7.09 12.34
CA GLY A 218 9.98 8.46 11.88
C GLY A 218 11.27 8.90 11.22
N LEU A 219 12.40 8.60 11.86
CA LEU A 219 13.70 9.00 11.31
C LEU A 219 13.96 8.32 9.99
N THR A 220 13.64 7.03 9.89
CA THR A 220 13.96 6.32 8.67
C THR A 220 13.02 6.68 7.54
N ARG A 221 11.75 6.96 7.82
CA ARG A 221 10.92 7.44 6.73
C ARG A 221 11.32 8.86 6.33
N ALA A 222 11.88 9.64 7.25
CA ALA A 222 12.45 10.92 6.85
C ALA A 222 13.61 10.73 5.89
N ILE A 223 14.49 9.77 6.20
CA ILE A 223 15.61 9.45 5.30
C ILE A 223 15.10 9.01 3.95
N ASP A 224 14.15 8.08 3.94
CA ASP A 224 13.72 7.48 2.69
C ASP A 224 12.94 8.47 1.84
N ARG A 225 12.07 9.25 2.44
CA ARG A 225 11.33 10.23 1.68
C ARG A 225 12.23 11.36 1.21
N GLY A 226 13.23 11.72 2.00
CA GLY A 226 14.16 12.73 1.55
C GLY A 226 14.99 12.29 0.37
N THR A 227 15.43 11.04 0.37
CA THR A 227 16.18 10.56 -0.77
C THR A 227 15.30 10.35 -1.99
N LYS A 228 14.04 9.96 -1.82
CA LYS A 228 13.16 9.96 -2.97
C LYS A 228 12.89 11.36 -3.49
N GLY A 229 12.88 12.36 -2.60
CA GLY A 229 12.74 13.73 -3.06
C GLY A 229 13.94 14.21 -3.84
N ILE A 230 15.14 13.94 -3.36
CA ILE A 230 16.35 14.27 -4.11
C ILE A 230 16.34 13.56 -5.45
N SER A 231 16.05 12.26 -5.46
CA SER A 231 16.08 11.51 -6.70
C SER A 231 15.06 12.02 -7.69
N TYR A 232 13.85 12.32 -7.23
CA TYR A 232 12.82 12.77 -8.14
C TYR A 232 13.15 14.15 -8.68
N LEU A 233 13.72 15.02 -7.87
CA LEU A 233 14.04 16.35 -8.34
C LEU A 233 15.16 16.34 -9.36
N LEU A 234 16.23 15.59 -9.08
CA LEU A 234 17.32 15.48 -10.05
C LEU A 234 16.83 14.80 -11.32
N THR A 235 16.09 13.70 -11.17
CA THR A 235 15.55 12.98 -12.31
C THR A 235 14.64 13.84 -13.15
N SER A 236 13.74 14.60 -12.55
CA SER A 236 12.88 15.43 -13.37
C SER A 236 13.67 16.51 -14.06
N MET A 237 14.60 17.15 -13.36
CA MET A 237 15.33 18.25 -13.97
C MET A 237 16.18 17.79 -15.14
N VAL A 238 16.72 16.59 -15.10
CA VAL A 238 17.56 16.17 -16.21
C VAL A 238 16.78 15.37 -17.25
N PHE A 239 15.73 14.69 -16.86
CA PHE A 239 14.98 13.87 -17.78
C PHE A 239 13.92 14.66 -18.52
N HIS A 240 13.27 15.61 -17.89
CA HIS A 240 12.08 16.22 -18.44
C HIS A 240 12.18 17.73 -18.56
N ILE A 241 12.51 18.44 -17.49
CA ILE A 241 12.34 19.89 -17.51
C ILE A 241 13.41 20.57 -18.33
N VAL A 242 14.66 20.15 -18.20
CA VAL A 242 15.72 20.83 -18.95
C VAL A 242 15.77 20.42 -20.41
N PRO A 243 15.61 19.14 -20.78
CA PRO A 243 15.52 18.83 -22.21
C PRO A 243 14.38 19.51 -22.92
N THR A 244 13.22 19.63 -22.29
CA THR A 244 12.09 20.27 -22.92
C THR A 244 12.32 21.77 -23.06
N ALA A 245 12.89 22.41 -22.06
CA ALA A 245 13.19 23.83 -22.19
C ALA A 245 14.26 24.07 -23.25
N LEU A 246 15.25 23.19 -23.32
CA LEU A 246 16.27 23.30 -24.34
C LEU A 246 15.71 23.10 -25.72
N GLU A 247 14.77 22.18 -25.89
CA GLU A 247 14.23 21.94 -27.21
C GLU A 247 13.26 23.02 -27.63
N ILE A 248 12.51 23.59 -26.68
CA ILE A 248 11.72 24.76 -27.02
C ILE A 248 12.63 25.91 -27.44
N GLY A 249 13.76 26.06 -26.77
CA GLY A 249 14.70 27.09 -27.19
C GLY A 249 15.26 26.83 -28.57
N MET A 250 15.67 25.59 -28.84
CA MET A 250 16.23 25.26 -30.15
C MET A 250 15.21 25.45 -31.26
N VAL A 251 13.97 25.03 -31.02
CA VAL A 251 12.95 25.12 -32.06
C VAL A 251 12.54 26.56 -32.29
N CYS A 252 12.40 27.35 -31.23
CA CYS A 252 12.08 28.75 -31.44
C CYS A 252 13.24 29.50 -32.09
N GLY A 253 14.47 29.09 -31.83
CA GLY A 253 15.59 29.66 -32.53
C GLY A 253 15.59 29.33 -34.01
N ILE A 254 15.31 28.07 -34.34
CA ILE A 254 15.30 27.65 -35.74
C ILE A 254 14.20 28.34 -36.50
N LEU A 255 12.99 28.36 -35.94
CA LEU A 255 11.88 28.99 -36.63
C LEU A 255 12.05 30.50 -36.70
N THR A 256 12.73 31.13 -35.76
CA THR A 256 13.02 32.55 -35.91
C THR A 256 14.07 32.78 -36.97
N TYR A 257 15.04 31.90 -37.07
CA TYR A 257 16.10 32.10 -38.04
C TYR A 257 15.56 31.98 -39.45
N GLN A 258 14.79 30.94 -39.73
CA GLN A 258 14.49 30.64 -41.13
C GLN A 258 13.17 31.23 -41.59
N PHE A 259 12.21 31.35 -40.69
CA PHE A 259 10.86 31.66 -41.12
C PHE A 259 10.36 33.00 -40.60
N GLY A 260 10.74 33.39 -39.40
CA GLY A 260 10.34 34.69 -38.90
C GLY A 260 10.03 34.59 -37.44
N TRP A 261 9.95 35.73 -36.80
CA TRP A 261 9.67 35.75 -35.37
C TRP A 261 8.25 35.33 -35.05
N GLU A 262 7.33 35.35 -36.02
CA GLU A 262 5.96 35.00 -35.69
C GLU A 262 5.79 33.49 -35.55
N PHE A 263 6.60 32.70 -36.21
CA PHE A 263 6.56 31.27 -35.94
C PHE A 263 7.06 30.94 -34.55
N ALA A 264 8.08 31.63 -34.08
CA ALA A 264 8.51 31.41 -32.72
C ALA A 264 7.52 31.96 -31.72
N ALA A 265 6.87 33.08 -32.05
CA ALA A 265 5.84 33.59 -31.16
C ALA A 265 4.69 32.61 -31.03
N ILE A 266 4.28 31.98 -32.12
CA ILE A 266 3.21 31.00 -32.06
C ILE A 266 3.66 29.74 -31.33
N THR A 267 4.91 29.32 -31.50
CA THR A 267 5.37 28.12 -30.80
C THR A 267 5.52 28.38 -29.30
N ALA A 268 6.03 29.54 -28.91
CA ALA A 268 6.14 29.86 -27.50
C ALA A 268 4.77 30.06 -26.87
N ALA A 269 3.84 30.68 -27.59
CA ALA A 269 2.51 30.83 -27.06
C ALA A 269 1.81 29.48 -26.95
N THR A 270 2.10 28.55 -27.86
CA THR A 270 1.56 27.22 -27.75
C THR A 270 2.12 26.49 -26.56
N MET A 271 3.41 26.56 -26.32
CA MET A 271 4.00 25.93 -25.15
C MET A 271 3.50 26.53 -23.86
N ALA A 272 3.33 27.85 -23.81
CA ALA A 272 2.78 28.48 -22.62
C ALA A 272 1.33 28.08 -22.41
N ALA A 273 0.52 28.08 -23.47
CA ALA A 273 -0.88 27.70 -23.31
C ALA A 273 -1.02 26.24 -22.94
N TYR A 274 -0.22 25.38 -23.54
CA TYR A 274 -0.27 23.96 -23.21
C TYR A 274 0.12 23.73 -21.77
N THR A 275 1.15 24.41 -21.29
CA THR A 275 1.56 24.20 -19.91
C THR A 275 0.56 24.79 -18.93
N ALA A 276 0.06 25.99 -19.19
CA ALA A 276 -0.94 26.57 -18.32
C ALA A 276 -2.18 25.71 -18.24
N PHE A 277 -2.67 25.26 -19.40
CA PHE A 277 -3.82 24.37 -19.44
C PHE A 277 -3.56 23.10 -18.68
N THR A 278 -2.43 22.43 -18.95
CA THR A 278 -2.20 21.12 -18.35
C THR A 278 -2.05 21.22 -16.85
N ILE A 279 -1.26 22.18 -16.38
CA ILE A 279 -1.04 22.34 -14.94
C ILE A 279 -2.37 22.65 -14.24
N THR A 280 -3.13 23.59 -14.78
CA THR A 280 -4.39 23.97 -14.15
C THR A 280 -5.37 22.81 -14.11
N THR A 281 -5.62 22.18 -15.26
CA THR A 281 -6.69 21.20 -15.28
C THR A 281 -6.26 19.90 -14.64
N THR A 282 -4.96 19.63 -14.52
CA THR A 282 -4.62 18.43 -13.79
C THR A 282 -4.54 18.70 -12.31
N ALA A 283 -4.54 19.96 -11.89
CA ALA A 283 -4.83 20.27 -10.51
C ALA A 283 -6.30 20.12 -10.16
N TRP A 284 -7.18 20.37 -11.11
CA TRP A 284 -8.62 20.20 -10.89
C TRP A 284 -9.04 18.72 -10.89
N ARG A 285 -8.44 17.93 -11.77
CA ARG A 285 -8.76 16.52 -11.86
C ARG A 285 -8.51 15.74 -10.59
N THR A 286 -7.61 16.21 -9.72
CA THR A 286 -7.30 15.42 -8.54
C THR A 286 -8.40 15.48 -7.50
N LYS A 287 -9.15 16.59 -7.46
CA LYS A 287 -10.38 16.60 -6.69
C LYS A 287 -11.25 15.44 -7.10
N PHE A 288 -11.44 15.28 -8.40
CA PHE A 288 -12.31 14.21 -8.88
C PHE A 288 -11.75 12.84 -8.56
N ARG A 289 -10.45 12.67 -8.70
CA ARG A 289 -9.87 11.35 -8.46
C ARG A 289 -9.98 10.97 -7.00
N ARG A 290 -9.79 11.91 -6.09
CA ARG A 290 -9.93 11.59 -4.67
C ARG A 290 -11.37 11.31 -4.30
N GLN A 291 -12.32 12.05 -4.88
CA GLN A 291 -13.72 11.74 -4.61
C GLN A 291 -14.08 10.33 -5.07
N ALA A 292 -13.64 9.95 -6.27
CA ALA A 292 -13.96 8.62 -6.78
C ALA A 292 -13.29 7.55 -5.96
N ASN A 293 -12.06 7.79 -5.52
CA ASN A 293 -11.38 6.80 -4.70
C ASN A 293 -12.08 6.62 -3.36
N ALA A 294 -12.55 7.72 -2.76
CA ALA A 294 -13.28 7.61 -1.50
C ALA A 294 -14.61 6.88 -1.68
N ALA A 295 -15.32 7.14 -2.78
CA ALA A 295 -16.58 6.43 -3.01
C ALA A 295 -16.36 4.95 -3.26
N ASP A 296 -15.25 4.60 -3.92
CA ASP A 296 -14.88 3.21 -4.07
C ASP A 296 -14.69 2.54 -2.72
N ASN A 297 -13.94 3.19 -1.83
CA ASN A 297 -13.72 2.59 -0.51
C ASN A 297 -15.02 2.50 0.27
N ALA A 298 -15.92 3.46 0.09
CA ALA A 298 -17.21 3.37 0.78
C ALA A 298 -18.02 2.17 0.31
N ALA A 299 -18.05 1.92 -0.99
CA ALA A 299 -18.77 0.75 -1.49
C ALA A 299 -18.15 -0.54 -0.99
N SER A 300 -16.82 -0.60 -1.02
CA SER A 300 -16.14 -1.79 -0.52
C SER A 300 -16.44 -2.02 0.95
N THR A 301 -16.46 -0.97 1.74
CA THR A 301 -16.72 -1.13 3.16
C THR A 301 -18.15 -1.53 3.43
N VAL A 302 -19.10 -1.06 2.62
CA VAL A 302 -20.47 -1.55 2.76
C VAL A 302 -20.53 -3.05 2.54
N ALA A 303 -19.84 -3.53 1.50
CA ALA A 303 -19.82 -4.97 1.26
C ALA A 303 -19.15 -5.73 2.39
N VAL A 304 -18.00 -5.25 2.87
CA VAL A 304 -17.27 -5.95 3.92
C VAL A 304 -18.10 -6.02 5.18
N ASP A 305 -18.67 -4.89 5.59
CA ASP A 305 -19.44 -4.84 6.82
C ASP A 305 -20.70 -5.67 6.72
N SER A 306 -21.25 -5.83 5.52
CA SER A 306 -22.45 -6.66 5.42
C SER A 306 -22.12 -8.13 5.35
N LEU A 307 -20.92 -8.48 4.89
CA LEU A 307 -20.56 -9.88 4.85
C LEU A 307 -20.03 -10.39 6.19
N ILE A 308 -19.38 -9.51 6.96
CA ILE A 308 -18.95 -9.90 8.30
C ILE A 308 -20.16 -10.21 9.13
N ASN A 309 -21.16 -9.36 9.09
CA ASN A 309 -22.31 -9.50 9.97
C ASN A 309 -23.40 -10.31 9.28
N TYR A 310 -22.98 -11.44 8.70
CA TYR A 310 -23.87 -12.17 7.81
C TYR A 310 -25.01 -12.83 8.57
N GLU A 311 -24.69 -13.47 9.68
CA GLU A 311 -25.73 -14.12 10.46
C GLU A 311 -26.75 -13.11 10.95
N ALA A 312 -26.32 -11.88 11.23
CA ALA A 312 -27.27 -10.85 11.59
C ALA A 312 -28.07 -10.41 10.39
N VAL A 313 -27.49 -10.50 9.20
CA VAL A 313 -28.24 -10.17 7.99
C VAL A 313 -29.38 -11.14 7.80
N LYS A 314 -29.14 -12.43 8.00
CA LYS A 314 -30.22 -13.36 7.73
C LYS A 314 -31.09 -13.65 8.94
N TYR A 315 -30.66 -13.30 10.14
CA TYR A 315 -31.58 -13.39 11.28
C TYR A 315 -32.71 -12.38 11.19
N PHE A 316 -32.43 -11.22 10.62
CA PHE A 316 -33.40 -10.15 10.55
C PHE A 316 -33.95 -9.98 9.15
N ASN A 317 -33.70 -10.93 8.26
CA ASN A 317 -34.26 -11.04 6.92
C ASN A 317 -33.89 -9.86 6.04
N ASN A 318 -32.80 -9.18 6.31
CA ASN A 318 -32.45 -7.96 5.59
C ASN A 318 -31.45 -8.23 4.48
N GLU A 319 -31.78 -9.15 3.59
CA GLU A 319 -30.91 -9.32 2.45
C GLU A 319 -31.16 -8.28 1.38
N ALA A 320 -32.43 -7.98 1.10
CA ALA A 320 -32.73 -6.98 0.09
C ALA A 320 -32.26 -5.60 0.52
N TYR A 321 -32.30 -5.33 1.83
CA TYR A 321 -31.82 -4.05 2.33
C TYR A 321 -30.33 -3.90 2.08
N GLU A 322 -29.55 -4.94 2.30
CA GLU A 322 -28.10 -4.84 2.12
C GLU A 322 -27.71 -4.87 0.64
N ILE A 323 -28.45 -5.61 -0.18
CA ILE A 323 -28.23 -5.49 -1.62
C ILE A 323 -28.56 -4.10 -2.12
N ALA A 324 -29.59 -3.46 -1.57
CA ALA A 324 -29.88 -2.08 -1.91
C ALA A 324 -28.81 -1.11 -1.43
N ARG A 325 -28.28 -1.30 -0.23
CA ARG A 325 -27.21 -0.42 0.24
C ARG A 325 -25.95 -0.57 -0.59
N TYR A 326 -25.57 -1.79 -0.93
CA TYR A 326 -24.41 -1.98 -1.78
C TYR A 326 -24.64 -1.37 -3.15
N ASP A 327 -25.84 -1.54 -3.69
CA ASP A 327 -26.15 -0.98 -5.00
C ASP A 327 -26.07 0.54 -4.96
N LYS A 328 -26.60 1.16 -3.90
CA LYS A 328 -26.54 2.61 -3.81
C LYS A 328 -25.11 3.11 -3.64
N ALA A 329 -24.30 2.42 -2.86
CA ALA A 329 -22.91 2.84 -2.72
C ALA A 329 -22.14 2.66 -4.01
N LEU A 330 -22.42 1.60 -4.77
CA LEU A 330 -21.77 1.41 -6.05
C LEU A 330 -22.23 2.43 -7.06
N GLN A 331 -23.48 2.86 -6.99
CA GLN A 331 -23.97 3.89 -7.88
C GLN A 331 -23.33 5.23 -7.57
N ALA A 332 -23.16 5.54 -6.29
CA ALA A 332 -22.43 6.75 -5.94
C ALA A 332 -20.97 6.65 -6.31
N TYR A 333 -20.44 5.45 -6.45
CA TYR A 333 -19.10 5.31 -7.01
C TYR A 333 -19.08 5.56 -8.50
N GLU A 334 -20.03 5.04 -9.25
CA GLU A 334 -19.94 5.25 -10.68
C GLU A 334 -20.21 6.70 -11.04
N ARG A 335 -21.00 7.41 -10.25
CA ARG A 335 -21.21 8.83 -10.52
C ARG A 335 -19.98 9.68 -10.28
N SER A 336 -18.96 9.13 -9.63
CA SER A 336 -17.70 9.87 -9.50
C SER A 336 -16.66 9.34 -10.46
N SER A 337 -16.77 8.07 -10.84
CA SER A 337 -15.90 7.57 -11.89
C SER A 337 -16.22 8.24 -13.22
N ILE A 338 -17.47 8.66 -13.41
CA ILE A 338 -17.81 9.41 -14.61
C ILE A 338 -17.09 10.74 -14.63
N LYS A 339 -17.00 11.40 -13.49
CA LYS A 339 -16.32 12.69 -13.46
C LYS A 339 -14.84 12.53 -13.66
N VAL A 340 -14.26 11.45 -13.15
CA VAL A 340 -12.84 11.20 -13.41
C VAL A 340 -12.60 11.00 -14.90
N ALA A 341 -13.42 10.18 -15.56
CA ALA A 341 -13.17 9.87 -16.95
C ALA A 341 -13.50 11.04 -17.87
N THR A 342 -14.56 11.77 -17.56
CA THR A 342 -14.91 12.93 -18.36
C THR A 342 -13.88 14.04 -18.23
N SER A 343 -13.35 14.27 -17.05
CA SER A 343 -12.32 15.28 -16.92
C SER A 343 -11.02 14.84 -17.56
N LEU A 344 -10.76 13.53 -17.61
CA LEU A 344 -9.60 13.08 -18.38
C LEU A 344 -9.80 13.31 -19.86
N ALA A 345 -11.01 13.11 -20.36
CA ALA A 345 -11.31 13.46 -21.73
C ALA A 345 -11.07 14.94 -21.98
N PHE A 346 -11.47 15.79 -21.04
CA PHE A 346 -11.25 17.23 -21.17
C PHE A 346 -9.76 17.55 -21.24
N LEU A 347 -8.98 16.99 -20.32
CA LEU A 347 -7.53 17.16 -20.35
C LEU A 347 -6.94 16.80 -21.69
N ASN A 348 -7.13 15.55 -22.13
CA ASN A 348 -6.45 15.08 -23.33
C ASN A 348 -6.90 15.81 -24.58
N SER A 349 -8.21 16.02 -24.73
CA SER A 349 -8.71 16.68 -25.91
C SER A 349 -8.34 18.14 -25.93
N GLY A 350 -8.25 18.80 -24.77
CA GLY A 350 -7.81 20.17 -24.76
C GLY A 350 -6.35 20.33 -25.13
N GLN A 351 -5.52 19.41 -24.66
CA GLN A 351 -4.10 19.47 -25.01
C GLN A 351 -3.92 19.33 -26.50
N ASN A 352 -4.63 18.40 -27.11
CA ASN A 352 -4.47 18.23 -28.55
C ASN A 352 -5.18 19.31 -29.33
N ILE A 353 -6.19 19.96 -28.76
CA ILE A 353 -6.75 21.15 -29.41
C ILE A 353 -5.73 22.26 -29.48
N ILE A 354 -4.92 22.41 -28.42
CA ILE A 354 -3.91 23.46 -28.41
C ILE A 354 -2.83 23.19 -29.45
N PHE A 355 -2.28 21.98 -29.46
CA PHE A 355 -1.30 21.71 -30.50
C PHE A 355 -1.87 21.69 -31.90
N SER A 356 -3.11 21.31 -32.08
CA SER A 356 -3.63 21.24 -33.43
C SER A 356 -3.96 22.63 -33.95
N SER A 357 -4.38 23.53 -33.07
CA SER A 357 -4.52 24.92 -33.44
C SER A 357 -3.19 25.53 -33.82
N ALA A 358 -2.13 25.22 -33.08
CA ALA A 358 -0.81 25.71 -33.46
C ALA A 358 -0.37 25.17 -34.81
N LEU A 359 -0.48 23.86 -35.01
CA LEU A 359 0.02 23.24 -36.22
C LEU A 359 -0.81 23.60 -37.43
N THR A 360 -2.04 24.03 -37.27
CA THR A 360 -2.81 24.56 -38.37
C THR A 360 -2.54 26.03 -38.63
N LEU A 361 -2.42 26.84 -37.60
CA LEU A 361 -2.07 28.24 -37.81
C LEU A 361 -0.73 28.40 -38.48
N MET A 362 0.25 27.62 -38.06
CA MET A 362 1.55 27.70 -38.69
C MET A 362 1.62 26.99 -40.02
N MET A 363 0.68 26.12 -40.34
CA MET A 363 0.54 25.66 -41.70
C MET A 363 -0.06 26.71 -42.60
N TRP A 364 -1.01 27.47 -42.10
CA TRP A 364 -1.51 28.61 -42.86
C TRP A 364 -0.42 29.64 -43.10
N LEU A 365 0.35 29.95 -42.07
CA LEU A 365 1.44 30.89 -42.23
C LEU A 365 2.58 30.36 -43.07
N GLY A 366 2.78 29.06 -43.11
CA GLY A 366 3.75 28.50 -44.02
C GLY A 366 3.26 28.42 -45.43
N ALA A 367 1.97 28.17 -45.64
CA ALA A 367 1.41 28.21 -46.97
C ALA A 367 1.38 29.61 -47.52
N ARG A 368 1.08 30.60 -46.70
CA ARG A 368 1.16 31.99 -47.10
C ARG A 368 2.55 32.37 -47.55
N GLY A 369 3.58 31.72 -47.05
CA GLY A 369 4.94 32.00 -47.44
C GLY A 369 5.44 31.09 -48.52
N VAL A 370 4.77 29.97 -48.77
CA VAL A 370 5.05 29.16 -49.94
C VAL A 370 4.48 29.81 -51.18
N LEU A 371 3.28 30.35 -51.11
CA LEU A 371 2.66 31.05 -52.23
C LEU A 371 3.33 32.37 -52.54
N ALA A 372 4.20 32.85 -51.67
CA ALA A 372 4.95 34.06 -51.95
C ALA A 372 6.33 33.77 -52.47
N GLY A 373 6.73 32.52 -52.51
CA GLY A 373 8.03 32.13 -53.02
C GLY A 373 9.12 32.05 -51.97
N ASP A 374 8.85 32.51 -50.75
CA ASP A 374 9.89 32.50 -49.72
C ASP A 374 10.26 31.08 -49.33
N LEU A 375 9.27 30.27 -48.99
CA LEU A 375 9.47 28.92 -48.51
C LEU A 375 9.32 27.95 -49.67
N SER A 376 9.57 26.69 -49.39
CA SER A 376 9.25 25.62 -50.30
C SER A 376 8.36 24.65 -49.55
N VAL A 377 7.78 23.68 -50.27
CA VAL A 377 6.86 22.79 -49.57
C VAL A 377 7.57 21.83 -48.64
N GLY A 378 8.87 21.70 -48.75
CA GLY A 378 9.59 21.02 -47.71
C GLY A 378 9.55 21.75 -46.40
N ASP A 379 9.58 23.06 -46.42
CA ASP A 379 9.55 23.85 -45.20
C ASP A 379 8.25 23.72 -44.45
N LEU A 380 7.16 23.39 -45.12
CA LEU A 380 5.94 23.06 -44.39
C LEU A 380 6.14 21.84 -43.52
N VAL A 381 6.84 20.84 -44.04
CA VAL A 381 7.13 19.65 -43.26
C VAL A 381 8.13 19.95 -42.16
N LEU A 382 9.07 20.86 -42.41
CA LEU A 382 9.98 21.29 -41.37
C LEU A 382 9.25 21.95 -40.21
N ILE A 383 8.41 22.93 -40.52
CA ILE A 383 7.65 23.62 -39.49
C ILE A 383 6.78 22.65 -38.73
N ASN A 384 6.03 21.81 -39.46
CA ASN A 384 5.11 20.90 -38.84
C ASN A 384 5.82 19.93 -37.92
N GLN A 385 6.90 19.34 -38.37
CA GLN A 385 7.54 18.33 -37.57
C GLN A 385 8.35 18.87 -36.42
N LEU A 386 8.93 20.06 -36.53
CA LEU A 386 9.59 20.66 -35.38
C LEU A 386 8.61 20.86 -34.24
N VAL A 387 7.46 21.46 -34.53
CA VAL A 387 6.51 21.75 -33.47
C VAL A 387 5.81 20.48 -32.99
N PHE A 388 5.52 19.55 -33.88
CA PHE A 388 4.99 18.31 -33.40
C PHE A 388 5.96 17.63 -32.43
N GLN A 389 7.23 17.54 -32.80
CA GLN A 389 8.20 16.88 -31.92
C GLN A 389 8.32 17.60 -30.60
N LEU A 390 8.03 18.89 -30.58
CA LEU A 390 7.87 19.54 -29.29
C LEU A 390 6.76 18.93 -28.49
N SER A 391 5.68 18.52 -29.13
CA SER A 391 4.56 17.99 -28.33
C SER A 391 4.82 16.62 -27.72
N VAL A 392 5.89 15.94 -28.08
CA VAL A 392 6.06 14.55 -27.65
C VAL A 392 6.55 14.41 -26.21
N PRO A 393 7.60 15.08 -25.74
CA PRO A 393 8.11 14.81 -24.40
C PRO A 393 7.31 15.41 -23.26
N LEU A 394 6.09 15.88 -23.50
CA LEU A 394 5.37 16.71 -22.55
C LEU A 394 4.49 15.90 -21.61
N ASN A 395 4.73 14.61 -21.49
CA ASN A 395 3.89 13.77 -20.64
C ASN A 395 4.08 14.06 -19.18
N PHE A 396 5.27 14.51 -18.76
CA PHE A 396 5.62 14.73 -17.37
C PHE A 396 4.82 15.84 -16.72
N LEU A 397 4.17 16.69 -17.50
CA LEU A 397 3.61 17.93 -16.99
C LEU A 397 2.44 17.73 -16.05
N GLY A 398 1.84 16.55 -16.01
CA GLY A 398 0.77 16.33 -15.08
C GLY A 398 1.23 16.45 -13.64
N SER A 399 2.20 15.63 -13.28
CA SER A 399 2.58 15.51 -11.87
C SER A 399 3.43 16.66 -11.38
N VAL A 400 4.19 17.30 -12.27
CA VAL A 400 5.37 18.06 -11.86
C VAL A 400 5.11 19.13 -10.82
N TYR A 401 4.07 19.93 -10.96
CA TYR A 401 3.93 20.99 -9.97
C TYR A 401 3.47 20.52 -8.61
N ARG A 402 2.66 19.46 -8.50
CA ARG A 402 2.45 18.95 -7.15
C ARG A 402 3.71 18.29 -6.65
N GLU A 403 4.33 17.47 -7.49
CA GLU A 403 5.21 16.47 -6.97
C GLU A 403 6.58 17.05 -6.67
N LEU A 404 7.06 17.98 -7.50
CA LEU A 404 8.25 18.73 -7.09
C LEU A 404 8.04 19.49 -5.80
N ARG A 405 6.86 20.08 -5.61
CA ARG A 405 6.66 20.79 -4.35
C ARG A 405 6.75 19.82 -3.19
N GLN A 406 6.12 18.65 -3.33
CA GLN A 406 6.22 17.65 -2.29
C GLN A 406 7.67 17.24 -2.08
N SER A 407 8.39 17.03 -3.17
CA SER A 407 9.75 16.55 -3.09
C SER A 407 10.63 17.59 -2.44
N LEU A 408 10.33 18.86 -2.67
CA LEU A 408 11.15 19.90 -2.07
C LEU A 408 10.96 19.89 -0.57
N LEU A 409 9.72 19.69 -0.11
CA LEU A 409 9.48 19.53 1.32
C LEU A 409 10.23 18.32 1.86
N ASP A 410 10.22 17.22 1.10
CA ASP A 410 10.89 16.01 1.56
C ASP A 410 12.37 16.22 1.67
N MET A 411 12.97 17.05 0.83
CA MET A 411 14.37 17.28 1.08
C MET A 411 14.57 18.22 2.24
N GLU A 412 13.65 19.14 2.46
CA GLU A 412 13.84 20.10 3.54
C GLU A 412 13.94 19.39 4.87
N THR A 413 13.04 18.44 5.13
CA THR A 413 13.13 17.64 6.35
C THR A 413 14.49 16.99 6.48
N LEU A 414 14.95 16.37 5.41
CA LEU A 414 16.21 15.64 5.46
C LEU A 414 17.38 16.58 5.71
N PHE A 415 17.38 17.74 5.09
CA PHE A 415 18.51 18.62 5.28
C PHE A 415 18.35 19.45 6.53
N ASP A 416 17.23 19.28 7.24
CA ASP A 416 17.13 19.79 8.60
C ASP A 416 17.68 18.78 9.58
N LEU A 417 17.48 17.49 9.30
CA LEU A 417 18.09 16.44 10.11
C LEU A 417 19.59 16.55 10.12
N GLN A 418 20.18 16.98 9.01
CA GLN A 418 21.62 17.14 9.05
C GLN A 418 22.08 18.32 9.89
N LYS A 419 21.17 19.16 10.37
CA LYS A 419 21.55 20.33 11.16
C LYS A 419 21.23 20.20 12.65
N VAL A 420 20.70 19.07 13.10
CA VAL A 420 20.52 18.89 14.53
C VAL A 420 21.88 18.76 15.19
N ASN A 421 22.07 19.46 16.29
CA ASN A 421 23.36 19.50 16.97
C ASN A 421 23.45 18.38 17.99
N VAL A 422 24.66 17.83 18.13
CA VAL A 422 24.96 16.92 19.23
C VAL A 422 25.15 17.76 20.49
N THR A 423 24.61 17.27 21.61
CA THR A 423 24.65 18.06 22.84
C THR A 423 25.87 17.70 23.68
N ILE A 424 26.03 16.42 24.00
CA ILE A 424 27.25 15.94 24.63
C ILE A 424 28.41 16.16 23.68
N ARG A 425 29.30 17.07 24.03
CA ARG A 425 30.43 17.42 23.17
C ARG A 425 31.70 16.77 23.69
N GLU A 426 32.49 16.22 22.79
CA GLU A 426 33.84 15.81 23.15
C GLU A 426 34.65 17.05 23.54
N ALA A 427 35.39 16.93 24.63
CA ALA A 427 36.22 18.05 25.05
C ALA A 427 37.37 18.25 24.08
N PRO A 428 37.67 19.51 23.71
CA PRO A 428 38.84 19.76 22.86
C PRO A 428 40.11 19.33 23.57
N ASN A 429 41.01 18.73 22.78
CA ASN A 429 42.23 18.10 23.29
C ASN A 429 41.90 17.10 24.40
N ALA A 430 41.12 16.09 24.04
CA ALA A 430 40.74 15.05 24.99
C ALA A 430 41.81 13.99 25.08
N LYS A 431 41.86 13.31 26.23
CA LYS A 431 42.93 12.36 26.51
C LYS A 431 42.36 10.96 26.75
N PRO A 432 42.68 10.00 25.90
CA PRO A 432 42.35 8.60 26.21
C PRO A 432 43.22 8.10 27.35
N LEU A 433 42.62 7.84 28.50
CA LEU A 433 43.44 7.71 29.70
C LEU A 433 42.68 6.89 30.74
N ALA A 434 43.41 6.54 31.81
CA ALA A 434 42.91 5.94 33.04
C ALA A 434 42.45 4.50 32.85
N LEU A 435 42.86 3.86 31.76
CA LEU A 435 42.59 2.43 31.63
C LEU A 435 43.54 1.60 32.49
N PRO A 436 44.88 1.74 32.43
CA PRO A 436 45.72 0.92 33.32
C PRO A 436 45.59 1.29 34.79
N LYS A 437 45.20 2.53 35.09
CA LYS A 437 44.90 2.90 36.46
C LYS A 437 43.73 2.08 36.96
N GLY A 438 43.80 1.67 38.23
CA GLY A 438 42.74 0.88 38.83
C GLY A 438 41.42 1.60 38.79
N GLY A 439 40.52 1.14 37.93
CA GLY A 439 39.31 1.89 37.61
C GLY A 439 38.36 2.10 38.77
N GLU A 440 38.33 3.31 39.30
CA GLU A 440 37.46 3.67 40.41
C GLU A 440 36.51 4.78 39.95
N ILE A 441 35.28 4.73 40.41
CA ILE A 441 34.25 5.65 39.96
C ILE A 441 33.91 6.59 41.11
N ARG A 442 33.95 7.89 40.87
CA ARG A 442 33.73 8.87 41.92
C ARG A 442 32.64 9.85 41.47
N PHE A 443 31.43 9.65 41.99
CA PHE A 443 30.37 10.64 41.86
C PHE A 443 30.57 11.70 42.92
N GLU A 444 30.53 12.98 42.54
CA GLU A 444 30.62 14.06 43.52
C GLU A 444 29.50 15.08 43.28
N ASN A 445 28.61 15.19 44.28
CA ASN A 445 27.63 16.27 44.38
C ASN A 445 26.73 16.33 43.15
N VAL A 446 26.47 15.19 42.54
CA VAL A 446 25.88 15.15 41.21
C VAL A 446 24.38 15.33 41.29
N THR A 447 23.88 16.36 40.63
CA THR A 447 22.44 16.54 40.44
C THR A 447 22.12 16.20 38.99
N PHE A 448 21.11 15.39 38.79
CA PHE A 448 20.71 15.05 37.44
C PHE A 448 19.22 14.82 37.40
N GLY A 449 18.60 15.22 36.30
CA GLY A 449 17.18 14.98 36.13
C GLY A 449 16.71 15.17 34.71
N TYR A 450 15.97 14.18 34.20
CA TYR A 450 15.18 14.41 33.01
C TYR A 450 14.14 15.47 33.35
N TYR A 451 13.84 16.34 32.39
CA TYR A 451 12.92 17.46 32.61
C TYR A 451 13.45 18.28 33.78
N PRO A 452 14.46 19.12 33.55
CA PRO A 452 15.39 19.53 34.63
C PRO A 452 14.77 20.12 35.88
N ASP A 453 13.53 20.61 35.80
CA ASP A 453 12.89 21.15 37.00
C ASP A 453 12.67 20.05 38.03
N ARG A 454 12.38 18.83 37.59
CA ARG A 454 12.11 17.71 38.48
C ARG A 454 13.25 16.72 38.40
N PRO A 455 14.20 16.74 39.34
CA PRO A 455 15.37 15.87 39.23
C PRO A 455 15.09 14.45 39.69
N ILE A 456 16.11 13.60 39.52
CA ILE A 456 16.07 12.22 39.99
C ILE A 456 17.20 12.00 40.98
N LEU A 457 18.40 12.45 40.64
CA LEU A 457 19.54 12.34 41.54
C LEU A 457 19.81 13.71 42.14
N ARG A 458 19.86 13.77 43.47
CA ARG A 458 19.96 15.02 44.21
C ARG A 458 21.31 15.05 44.92
N ASN A 459 22.28 15.75 44.32
CA ASN A 459 23.61 15.92 44.89
C ASN A 459 24.26 14.59 45.25
N LEU A 460 24.08 13.60 44.37
CA LEU A 460 24.57 12.27 44.64
C LEU A 460 26.09 12.24 44.65
N SER A 461 26.65 11.49 45.59
CA SER A 461 28.09 11.30 45.68
C SER A 461 28.36 9.88 46.17
N LEU A 462 29.26 9.18 45.47
CA LEU A 462 29.57 7.80 45.80
C LEU A 462 30.94 7.45 45.24
N THR A 463 31.51 6.35 45.74
CA THR A 463 32.83 5.91 45.32
C THR A 463 32.82 4.40 45.11
N ILE A 464 33.09 3.98 43.88
CA ILE A 464 33.25 2.57 43.54
C ILE A 464 34.75 2.25 43.60
N PRO A 465 35.19 1.39 44.51
CA PRO A 465 36.62 1.05 44.58
C PRO A 465 37.09 0.34 43.33
N ALA A 466 38.40 0.44 43.09
CA ALA A 466 39.01 -0.21 41.95
C ALA A 466 39.00 -1.72 42.12
N GLY A 467 38.72 -2.43 41.03
CA GLY A 467 38.87 -3.86 40.99
C GLY A 467 37.93 -4.65 41.87
N LYS A 468 36.85 -4.05 42.34
CA LYS A 468 35.95 -4.72 43.27
C LYS A 468 34.58 -4.89 42.63
N LYS A 469 33.62 -5.32 43.45
CA LYS A 469 32.26 -5.61 43.04
C LYS A 469 31.31 -4.81 43.90
N VAL A 470 30.52 -3.95 43.27
CA VAL A 470 29.63 -3.05 43.99
C VAL A 470 28.24 -3.18 43.41
N ALA A 471 27.25 -3.30 44.29
CA ALA A 471 25.85 -3.34 43.85
C ALA A 471 25.08 -2.23 44.54
N VAL A 472 24.35 -1.46 43.77
CA VAL A 472 23.49 -0.44 44.35
C VAL A 472 22.07 -0.99 44.38
N VAL A 473 21.33 -0.57 45.39
CA VAL A 473 20.00 -1.11 45.68
C VAL A 473 19.05 0.02 46.02
N GLY A 474 17.79 -0.17 45.67
CA GLY A 474 16.75 0.78 45.95
C GLY A 474 15.43 0.27 45.40
N PRO A 475 14.35 0.99 45.67
CA PRO A 475 13.05 0.60 45.12
C PRO A 475 13.03 0.76 43.62
N SER A 476 12.20 -0.06 42.97
CA SER A 476 12.04 0.03 41.52
C SER A 476 11.44 1.38 41.16
N GLY A 477 12.14 2.13 40.33
CA GLY A 477 11.74 3.47 40.01
C GLY A 477 12.33 4.55 40.88
N CYS A 478 13.27 4.20 41.76
CA CYS A 478 14.00 5.20 42.53
C CYS A 478 14.95 6.02 41.66
N GLY A 479 15.17 5.60 40.42
CA GLY A 479 16.05 6.31 39.52
C GLY A 479 17.46 5.77 39.44
N LYS A 480 17.71 4.59 40.00
CA LYS A 480 19.01 3.95 39.84
C LYS A 480 19.31 3.63 38.39
N SER A 481 18.28 3.52 37.56
CA SER A 481 18.40 3.18 36.15
C SER A 481 19.13 4.25 35.35
N THR A 482 19.35 5.43 35.89
CA THR A 482 20.14 6.43 35.21
C THR A 482 21.63 6.34 35.53
N LEU A 483 22.02 5.51 36.49
CA LEU A 483 23.44 5.37 36.82
C LEU A 483 24.25 4.94 35.62
N LEU A 484 23.65 4.15 34.74
CA LEU A 484 24.17 3.92 33.40
C LEU A 484 24.39 5.21 32.64
N ARG A 485 23.30 5.87 32.34
CA ARG A 485 23.28 6.91 31.31
C ARG A 485 24.14 8.08 31.70
N LEU A 486 24.39 8.22 32.99
CA LEU A 486 25.23 9.31 33.44
C LEU A 486 26.71 8.97 33.36
N LEU A 487 27.08 7.73 33.71
CA LEU A 487 28.49 7.35 33.60
C LEU A 487 28.90 7.11 32.16
N PHE A 488 28.06 6.42 31.40
CA PHE A 488 28.40 6.13 30.02
C PHE A 488 28.36 7.39 29.17
N ARG A 489 27.87 8.49 29.72
CA ARG A 489 27.87 9.81 29.09
C ARG A 489 26.97 9.81 27.85
N SER A 490 25.80 9.21 28.01
CA SER A 490 24.71 9.47 27.09
C SER A 490 23.90 10.67 27.53
N TYR A 491 24.05 11.09 28.78
CA TYR A 491 23.55 12.36 29.29
C TYR A 491 24.67 13.04 30.04
N ASP A 492 24.46 14.30 30.38
CA ASP A 492 25.47 14.96 31.17
C ASP A 492 24.95 15.34 32.54
N PRO A 493 25.82 15.38 33.55
CA PRO A 493 25.39 15.87 34.86
C PRO A 493 25.15 17.37 34.80
N GLN A 494 23.95 17.79 35.21
CA GLN A 494 23.64 19.21 35.21
C GLN A 494 24.47 19.96 36.23
N GLN A 495 24.64 19.39 37.42
CA GLN A 495 25.63 19.85 38.37
C GLN A 495 26.28 18.63 39.00
N GLY A 496 27.45 18.85 39.60
CA GLY A 496 28.26 17.76 40.10
C GLY A 496 29.17 17.21 39.02
N LYS A 497 30.01 16.28 39.41
CA LYS A 497 30.99 15.76 38.46
C LYS A 497 31.15 14.26 38.64
N ILE A 498 31.50 13.61 37.54
CA ILE A 498 31.73 12.17 37.47
C ILE A 498 33.20 11.95 37.20
N PHE A 499 33.82 11.06 37.95
CA PHE A 499 35.25 10.85 37.84
C PHE A 499 35.54 9.37 37.62
N ILE A 500 36.47 9.10 36.72
CA ILE A 500 37.09 7.79 36.62
C ILE A 500 38.56 7.99 36.85
N ASP A 501 39.08 7.43 37.96
CA ASP A 501 40.47 7.55 38.35
C ASP A 501 40.90 9.00 38.45
N ASP A 502 40.08 9.79 39.14
CA ASP A 502 40.38 11.18 39.49
C ASP A 502 40.57 12.05 38.26
N GLN A 503 39.86 11.72 37.18
CA GLN A 503 39.78 12.58 36.01
C GLN A 503 38.35 12.57 35.50
N ASP A 504 37.88 13.74 35.09
CA ASP A 504 36.48 13.90 34.71
C ASP A 504 36.22 13.26 33.36
N ILE A 505 35.08 12.55 33.27
CA ILE A 505 34.70 11.93 32.01
C ILE A 505 34.42 12.99 30.96
N LYS A 506 33.99 14.19 31.38
CA LYS A 506 33.74 15.26 30.44
C LYS A 506 35.00 15.80 29.80
N SER A 507 36.18 15.37 30.27
CA SER A 507 37.43 15.68 29.62
C SER A 507 37.98 14.53 28.81
N VAL A 508 37.66 13.29 29.15
CA VAL A 508 38.23 12.13 28.50
C VAL A 508 37.55 11.97 27.14
N THR A 509 38.30 11.42 26.18
CA THR A 509 37.79 11.17 24.84
C THR A 509 36.55 10.30 24.88
N LEU A 510 35.52 10.71 24.14
CA LEU A 510 34.23 10.06 24.25
C LEU A 510 34.27 8.63 23.70
N GLU A 511 34.98 8.42 22.61
CA GLU A 511 35.19 7.05 22.13
C GLU A 511 35.97 6.23 23.14
N SER A 512 36.98 6.84 23.76
CA SER A 512 37.77 6.15 24.76
C SER A 512 36.93 5.85 26.01
N LEU A 513 36.04 6.77 26.36
CA LEU A 513 35.16 6.53 27.49
C LEU A 513 34.21 5.38 27.21
N ARG A 514 33.53 5.43 26.06
CA ARG A 514 32.54 4.42 25.75
C ARG A 514 33.18 3.06 25.47
N LYS A 515 34.46 3.07 25.11
CA LYS A 515 35.19 1.81 24.99
C LYS A 515 35.34 1.14 26.33
N SER A 516 35.50 1.93 27.39
CA SER A 516 35.89 1.37 28.69
C SER A 516 34.75 0.62 29.35
N ILE A 517 33.52 1.06 29.16
CA ILE A 517 32.39 0.47 29.86
C ILE A 517 31.68 -0.53 28.96
N GLY A 518 31.41 -1.70 29.51
CA GLY A 518 30.51 -2.66 28.89
C GLY A 518 29.23 -2.71 29.68
N VAL A 519 28.13 -2.98 29.00
CA VAL A 519 26.80 -2.85 29.58
C VAL A 519 26.01 -4.10 29.30
N VAL A 520 25.42 -4.69 30.35
CA VAL A 520 24.34 -5.64 30.15
C VAL A 520 23.05 -4.87 30.39
N PRO A 521 22.28 -4.60 29.35
CA PRO A 521 21.07 -3.79 29.51
C PRO A 521 19.96 -4.58 30.17
N GLN A 522 18.92 -3.85 30.56
CA GLN A 522 17.75 -4.48 31.15
C GLN A 522 17.02 -5.32 30.12
N ASP A 523 16.72 -4.75 28.96
CA ASP A 523 16.09 -5.47 27.87
C ASP A 523 17.14 -5.66 26.78
N THR A 524 17.47 -6.90 26.50
CA THR A 524 18.47 -7.20 25.48
C THR A 524 17.85 -7.01 24.10
N PRO A 525 18.42 -6.15 23.26
CA PRO A 525 17.86 -5.96 21.92
C PRO A 525 18.36 -7.04 20.97
N LEU A 526 17.55 -7.32 19.96
CA LEU A 526 17.85 -8.37 19.01
C LEU A 526 17.86 -7.80 17.60
N PHE A 527 19.04 -7.74 17.00
CA PHE A 527 19.14 -7.48 15.58
C PHE A 527 18.59 -8.67 14.82
N ASN A 528 17.83 -8.40 13.76
CA ASN A 528 17.23 -9.44 12.95
C ASN A 528 18.33 -10.08 12.11
N ASP A 529 19.07 -10.98 12.75
CA ASP A 529 20.22 -11.61 12.13
C ASP A 529 20.48 -12.93 12.84
N THR A 530 21.67 -13.48 12.64
CA THR A 530 21.99 -14.76 13.25
C THR A 530 22.11 -14.62 14.75
N VAL A 531 22.11 -15.76 15.44
CA VAL A 531 22.61 -15.76 16.81
C VAL A 531 24.11 -15.47 16.80
N GLU A 532 24.82 -15.94 15.78
CA GLU A 532 26.25 -15.71 15.70
C GLU A 532 26.57 -14.23 15.60
N LEU A 533 25.81 -13.48 14.81
CA LEU A 533 26.13 -12.06 14.70
C LEU A 533 25.76 -11.32 15.98
N ASN A 534 24.70 -11.73 16.66
CA ASN A 534 24.38 -11.09 17.93
C ASN A 534 25.45 -11.36 18.97
N ILE A 535 26.09 -12.53 18.94
CA ILE A 535 27.28 -12.69 19.78
C ILE A 535 28.39 -11.77 19.28
N ARG A 536 28.58 -11.74 17.96
CA ARG A 536 29.73 -11.06 17.38
C ARG A 536 29.69 -9.56 17.64
N TYR A 537 28.49 -9.03 17.88
CA TYR A 537 28.31 -7.60 17.88
C TYR A 537 29.05 -6.93 19.03
N GLY A 538 29.47 -7.70 20.04
CA GLY A 538 30.31 -7.15 21.07
C GLY A 538 31.64 -6.67 20.54
N ASN A 539 32.28 -7.50 19.71
CA ASN A 539 33.52 -7.11 19.05
C ASN A 539 33.45 -7.66 17.63
N VAL A 540 33.10 -6.79 16.68
CA VAL A 540 32.80 -7.22 15.33
C VAL A 540 34.00 -7.78 14.58
N ASN A 541 35.21 -7.57 15.07
CA ASN A 541 36.40 -8.12 14.44
C ASN A 541 36.82 -9.46 15.03
N ALA A 542 36.03 -10.01 15.95
CA ALA A 542 36.40 -11.27 16.57
C ALA A 542 36.16 -12.43 15.61
N THR A 543 36.99 -13.47 15.76
CA THR A 543 36.87 -14.66 14.94
C THR A 543 35.76 -15.56 15.47
N GLN A 544 35.41 -16.58 14.67
CA GLN A 544 34.33 -17.48 15.03
C GLN A 544 34.65 -18.28 16.28
N GLU A 545 35.90 -18.71 16.44
CA GLU A 545 36.29 -19.40 17.65
C GLU A 545 36.18 -18.50 18.88
N GLN A 546 36.42 -17.20 18.72
CA GLN A 546 36.18 -16.26 19.81
C GLN A 546 34.69 -16.20 20.16
N VAL A 547 33.84 -16.21 19.14
CA VAL A 547 32.39 -16.19 19.35
C VAL A 547 31.95 -17.42 20.12
N ILE A 548 32.44 -18.59 19.72
CA ILE A 548 32.07 -19.84 20.39
C ILE A 548 32.63 -19.87 21.80
N ALA A 549 33.84 -19.34 22.00
CA ALA A 549 34.42 -19.30 23.34
C ALA A 549 33.62 -18.39 24.25
N ALA A 550 33.14 -17.27 23.73
CA ALA A 550 32.31 -16.36 24.53
C ALA A 550 30.98 -17.01 24.88
N ALA A 551 30.35 -17.70 23.93
CA ALA A 551 29.13 -18.42 24.24
C ALA A 551 29.38 -19.54 25.24
N GLN A 552 30.59 -20.11 25.23
CA GLN A 552 30.96 -21.09 26.24
C GLN A 552 31.05 -20.44 27.61
N LYS A 553 31.79 -19.34 27.72
CA LYS A 553 32.01 -18.72 29.01
C LYS A 553 30.73 -18.19 29.63
N ALA A 554 29.78 -17.77 28.80
CA ALA A 554 28.49 -17.42 29.35
C ALA A 554 27.47 -18.54 29.21
N HIS A 555 27.92 -19.73 28.81
CA HIS A 555 27.12 -20.96 28.84
C HIS A 555 25.87 -20.86 27.97
N ILE A 556 26.10 -20.74 26.66
CA ILE A 556 25.01 -20.80 25.69
C ILE A 556 25.23 -21.91 24.67
N HIS A 557 26.46 -22.37 24.47
CA HIS A 557 26.83 -23.08 23.24
C HIS A 557 26.03 -24.36 23.08
N GLU A 558 25.64 -24.99 24.19
CA GLU A 558 24.76 -26.15 24.10
C GLU A 558 23.39 -25.75 23.56
N LYS A 559 22.90 -24.56 23.93
CA LYS A 559 21.60 -24.12 23.45
C LYS A 559 21.64 -23.74 21.98
N ILE A 560 22.76 -23.17 21.51
CA ILE A 560 22.83 -22.85 20.09
C ILE A 560 23.14 -24.09 19.27
N ILE A 561 23.73 -25.13 19.88
CA ILE A 561 23.80 -26.42 19.19
C ILE A 561 22.42 -27.05 19.11
N SER A 562 21.62 -26.93 20.18
CA SER A 562 20.29 -27.52 20.20
C SER A 562 19.35 -26.89 19.18
N TRP A 563 19.63 -25.66 18.74
CA TRP A 563 18.83 -25.07 17.68
C TRP A 563 19.08 -25.81 16.38
N PRO A 564 18.12 -25.76 15.44
CA PRO A 564 18.26 -26.53 14.18
C PRO A 564 19.51 -26.21 13.38
N HIS A 565 19.68 -24.95 12.97
CA HIS A 565 20.77 -24.61 12.07
C HIS A 565 22.08 -24.34 12.79
N GLY A 566 22.09 -24.35 14.12
CA GLY A 566 23.30 -24.06 14.87
C GLY A 566 23.41 -22.60 15.23
N TYR A 567 24.64 -22.10 15.38
CA TYR A 567 24.82 -20.69 15.67
C TYR A 567 24.45 -19.81 14.48
N GLN A 568 24.21 -20.41 13.31
CA GLN A 568 23.67 -19.70 12.17
C GLN A 568 22.16 -19.58 12.23
N THR A 569 21.54 -19.87 13.37
CA THR A 569 20.10 -19.78 13.52
C THR A 569 19.63 -18.36 13.27
N ARG A 570 18.58 -18.21 12.47
CA ARG A 570 18.02 -16.89 12.27
C ARG A 570 17.13 -16.52 13.44
N VAL A 571 17.53 -15.47 14.17
CA VAL A 571 16.92 -15.08 15.42
C VAL A 571 16.50 -13.62 15.30
N GLY A 572 15.48 -13.24 16.09
CA GLY A 572 15.01 -11.89 16.14
C GLY A 572 13.50 -11.82 16.23
N GLU A 573 12.96 -10.64 15.89
CA GLU A 573 11.52 -10.47 15.85
C GLU A 573 10.89 -11.37 14.79
N ARG A 574 11.55 -11.54 13.66
CA ARG A 574 11.09 -12.41 12.59
C ARG A 574 11.93 -13.68 12.50
N GLY A 575 12.33 -14.22 13.65
CA GLY A 575 13.11 -15.44 13.64
C GLY A 575 12.70 -16.43 14.71
N LEU A 576 13.63 -17.29 15.12
CA LEU A 576 13.41 -18.21 16.21
C LEU A 576 13.33 -17.44 17.52
N MET A 577 12.16 -17.43 18.14
CA MET A 577 12.00 -16.75 19.43
C MET A 577 12.84 -17.45 20.48
N ILE A 578 13.48 -16.66 21.34
CA ILE A 578 14.23 -17.21 22.47
C ILE A 578 13.75 -16.54 23.75
N SER A 579 13.91 -17.24 24.86
CA SER A 579 13.43 -16.75 26.14
C SER A 579 14.32 -15.62 26.65
N GLY A 580 13.81 -14.92 27.66
CA GLY A 580 14.55 -13.81 28.24
C GLY A 580 15.86 -14.24 28.86
N GLY A 581 15.91 -15.44 29.42
CA GLY A 581 17.16 -15.93 30.00
C GLY A 581 18.23 -16.15 28.94
N GLU A 582 17.84 -16.71 27.80
CA GLU A 582 18.79 -16.89 26.71
C GLU A 582 19.23 -15.54 26.15
N LYS A 583 18.31 -14.58 26.09
CA LYS A 583 18.69 -13.23 25.66
C LYS A 583 19.70 -12.61 26.63
N GLN A 584 19.49 -12.81 27.92
CA GLN A 584 20.42 -12.25 28.90
C GLN A 584 21.78 -12.91 28.79
N ARG A 585 21.82 -14.23 28.62
CA ARG A 585 23.10 -14.90 28.38
C ARG A 585 23.75 -14.39 27.09
N LEU A 586 22.94 -14.11 26.08
CA LEU A 586 23.43 -13.57 24.83
C LEU A 586 24.11 -12.22 25.06
N ALA A 587 23.48 -11.35 25.85
CA ALA A 587 24.08 -10.06 26.18
C ALA A 587 25.35 -10.23 27.00
N VAL A 588 25.36 -11.18 27.94
CA VAL A 588 26.56 -11.44 28.73
C VAL A 588 27.71 -11.86 27.82
N SER A 589 27.42 -12.71 26.85
CA SER A 589 28.44 -13.13 25.89
C SER A 589 28.94 -11.97 25.05
N ARG A 590 28.04 -11.07 24.65
CA ARG A 590 28.46 -9.83 23.99
C ARG A 590 29.48 -9.10 24.84
N LEU A 591 29.17 -8.94 26.12
CA LEU A 591 30.03 -8.20 27.03
C LEU A 591 31.38 -8.88 27.18
N ILE A 592 31.38 -10.21 27.29
CA ILE A 592 32.60 -10.97 27.43
C ILE A 592 33.47 -10.80 26.20
N LEU A 593 32.85 -10.86 25.02
CA LEU A 593 33.60 -10.71 23.79
C LEU A 593 34.15 -9.29 23.65
N LYS A 594 33.44 -8.30 24.19
CA LYS A 594 33.98 -6.93 24.20
C LYS A 594 35.22 -6.83 25.06
N ASP A 595 35.21 -7.46 26.23
CA ASP A 595 36.25 -7.46 27.26
C ASP A 595 36.54 -5.99 27.60
N PRO A 596 35.69 -5.32 28.36
CA PRO A 596 36.00 -3.96 28.81
C PRO A 596 36.50 -3.95 30.25
N PRO A 597 37.26 -2.93 30.63
CA PRO A 597 37.67 -2.81 32.04
C PRO A 597 36.51 -2.59 33.00
N LEU A 598 35.48 -1.87 32.59
CA LEU A 598 34.36 -1.47 33.44
C LEU A 598 33.14 -2.26 33.03
N LEU A 599 32.36 -2.74 34.00
CA LEU A 599 31.19 -3.54 33.68
C LEU A 599 29.97 -3.05 34.43
N PHE A 600 28.85 -2.92 33.73
CA PHE A 600 27.54 -2.70 34.34
C PHE A 600 26.61 -3.83 33.99
N PHE A 601 25.68 -4.11 34.89
CA PHE A 601 24.71 -5.19 34.75
C PHE A 601 23.31 -4.72 35.06
N ASP A 602 22.90 -3.65 34.40
CA ASP A 602 21.75 -2.88 34.87
C ASP A 602 20.45 -3.63 34.66
N GLN A 603 19.83 -4.04 35.77
CA GLN A 603 18.54 -4.72 35.78
C GLN A 603 18.57 -5.99 34.94
N ALA A 604 19.65 -6.76 35.07
CA ALA A 604 19.67 -8.09 34.48
C ALA A 604 18.69 -9.01 35.19
N THR A 605 18.31 -8.66 36.41
CA THR A 605 17.39 -9.46 37.21
C THR A 605 15.94 -9.09 36.94
N SER A 606 15.68 -8.41 35.82
CA SER A 606 14.30 -8.15 35.44
C SER A 606 13.60 -9.39 34.89
N ALA A 607 14.35 -10.47 34.65
CA ALA A 607 13.74 -11.71 34.20
C ALA A 607 12.86 -12.30 35.30
N LEU A 608 11.80 -13.00 34.88
CA LEU A 608 10.81 -13.48 35.83
C LEU A 608 11.34 -14.59 36.72
N ASP A 609 12.02 -15.58 36.12
CA ASP A 609 12.38 -16.79 36.85
C ASP A 609 13.49 -16.48 37.84
N THR A 610 13.32 -16.95 39.07
CA THR A 610 14.38 -16.79 40.06
C THR A 610 15.53 -17.75 39.81
N HIS A 611 15.23 -18.92 39.24
CA HIS A 611 16.28 -19.91 39.01
C HIS A 611 17.20 -19.48 37.87
N THR A 612 16.61 -19.00 36.77
CA THR A 612 17.41 -18.54 35.65
C THR A 612 18.30 -17.38 36.06
N GLU A 613 17.78 -16.47 36.88
CA GLU A 613 18.63 -15.37 37.33
C GLU A 613 19.67 -15.86 38.32
N GLN A 614 19.40 -16.94 39.05
CA GLN A 614 20.45 -17.53 39.88
C GLN A 614 21.61 -18.01 39.02
N ALA A 615 21.30 -18.72 37.94
CA ALA A 615 22.35 -19.16 37.02
C ALA A 615 23.06 -17.98 36.39
N LEU A 616 22.29 -16.94 36.03
CA LEU A 616 22.87 -15.77 35.38
C LEU A 616 23.80 -15.02 36.32
N MET A 617 23.38 -14.79 37.56
CA MET A 617 24.25 -14.19 38.55
C MET A 617 25.48 -15.04 38.81
N ALA A 618 25.32 -16.36 38.88
CA ALA A 618 26.47 -17.22 39.05
C ALA A 618 27.49 -17.00 37.94
N ASN A 619 27.03 -17.11 36.69
CA ASN A 619 27.92 -17.01 35.54
C ASN A 619 28.60 -15.65 35.47
N ILE A 620 27.86 -14.58 35.74
CA ILE A 620 28.49 -13.27 35.68
C ILE A 620 29.47 -13.11 36.84
N ASN A 621 29.25 -13.80 37.95
CA ASN A 621 30.27 -13.80 38.99
C ASN A 621 31.55 -14.47 38.50
N GLU A 622 31.47 -15.66 37.90
CA GLU A 622 32.73 -16.30 37.50
C GLU A 622 33.43 -15.50 36.41
N VAL A 623 32.69 -14.77 35.58
CA VAL A 623 33.39 -13.96 34.58
C VAL A 623 33.93 -12.68 35.19
N VAL A 624 33.32 -12.20 36.28
CA VAL A 624 33.90 -11.07 37.00
C VAL A 624 35.17 -11.49 37.74
N LYS A 625 35.13 -12.64 38.40
CA LYS A 625 36.14 -13.00 39.41
C LYS A 625 37.53 -13.09 38.82
N GLU A 626 38.51 -12.58 39.58
CA GLU A 626 39.94 -12.73 39.39
C GLU A 626 40.50 -11.89 38.25
N LYS A 627 39.66 -11.25 37.44
CA LYS A 627 40.16 -10.46 36.32
C LYS A 627 40.16 -8.97 36.60
N LYS A 628 39.95 -8.58 37.86
CA LYS A 628 39.90 -7.18 38.29
C LYS A 628 38.86 -6.40 37.51
N ARG A 629 37.74 -7.03 37.19
CA ARG A 629 36.68 -6.40 36.41
C ARG A 629 35.79 -5.63 37.38
N THR A 630 35.94 -4.30 37.40
CA THR A 630 35.14 -3.43 38.25
C THR A 630 33.68 -3.55 37.81
N ALA A 631 32.85 -4.18 38.63
CA ALA A 631 31.50 -4.52 38.25
C ALA A 631 30.51 -3.73 39.10
N LEU A 632 29.56 -3.08 38.45
CA LEU A 632 28.43 -2.46 39.13
C LEU A 632 27.16 -3.18 38.73
N PHE A 633 26.38 -3.58 39.73
CA PHE A 633 25.17 -4.34 39.50
C PHE A 633 24.04 -3.45 39.97
N VAL A 634 23.11 -3.13 39.08
CA VAL A 634 21.96 -2.32 39.46
C VAL A 634 20.74 -3.22 39.37
N ALA A 635 20.27 -3.69 40.52
CA ALA A 635 19.17 -4.64 40.58
C ALA A 635 18.16 -4.18 41.61
N HIS A 636 16.90 -4.57 41.40
CA HIS A 636 15.84 -4.21 42.34
C HIS A 636 15.64 -5.24 43.43
N ARG A 637 16.30 -6.39 43.36
CA ARG A 637 16.21 -7.44 44.37
C ARG A 637 17.59 -7.65 44.96
N LEU A 638 17.81 -7.15 46.19
CA LEU A 638 19.10 -7.31 46.85
C LEU A 638 19.38 -8.75 47.23
N ARG A 639 18.34 -9.57 47.35
CA ARG A 639 18.54 -11.00 47.62
C ARG A 639 19.32 -11.66 46.50
N THR A 640 19.16 -11.19 45.27
CA THR A 640 19.96 -11.68 44.16
C THR A 640 21.43 -11.32 44.32
N ILE A 641 21.73 -10.18 44.95
CA ILE A 641 23.12 -9.74 44.96
C ILE A 641 23.54 -9.32 46.37
N TYR A 642 23.00 -10.01 47.37
CA TYR A 642 23.46 -9.82 48.74
C TYR A 642 24.95 -10.11 48.90
N ASP A 643 25.52 -10.96 48.06
CA ASP A 643 26.91 -11.41 48.11
C ASP A 643 27.94 -10.41 47.56
N ALA A 644 27.60 -9.17 47.21
CA ALA A 644 28.57 -8.27 46.61
C ALA A 644 29.62 -7.83 47.65
N ASP A 645 30.78 -7.42 47.13
CA ASP A 645 31.82 -6.87 48.00
C ASP A 645 31.34 -5.61 48.71
N LEU A 646 30.68 -4.72 47.99
CA LEU A 646 30.13 -3.50 48.57
C LEU A 646 28.71 -3.33 48.09
N ILE A 647 27.84 -2.87 48.98
CA ILE A 647 26.45 -2.59 48.62
C ILE A 647 26.15 -1.16 48.99
N ILE A 648 25.75 -0.37 47.99
CA ILE A 648 25.39 1.03 48.17
C ILE A 648 23.89 1.16 47.97
N VAL A 649 23.21 1.74 48.94
CA VAL A 649 21.76 1.90 48.85
C VAL A 649 21.48 3.32 48.37
N LEU A 650 20.33 3.51 47.76
CA LEU A 650 19.91 4.80 47.24
C LEU A 650 18.43 5.00 47.55
N LYS A 651 18.14 6.04 48.34
CA LYS A 651 16.78 6.39 48.70
C LYS A 651 16.49 7.77 48.09
N GLU A 652 15.97 7.76 46.87
CA GLU A 652 15.49 8.97 46.18
C GLU A 652 16.59 10.01 46.03
N GLY A 653 17.59 9.65 45.22
CA GLY A 653 18.59 10.61 44.79
C GLY A 653 19.73 10.85 45.74
N VAL A 654 19.80 10.15 46.86
CA VAL A 654 20.89 10.30 47.82
C VAL A 654 21.34 8.93 48.29
N VAL A 655 22.64 8.79 48.48
CA VAL A 655 23.21 7.58 49.06
C VAL A 655 23.04 7.63 50.57
N VAL A 656 22.48 6.57 51.15
CA VAL A 656 22.17 6.60 52.58
C VAL A 656 23.22 5.83 53.37
N GLU A 657 23.35 4.53 53.12
CA GLU A 657 24.29 3.71 53.88
C GLU A 657 25.00 2.73 52.95
N GLN A 658 26.01 2.07 53.50
CA GLN A 658 26.87 1.14 52.75
C GLN A 658 27.19 -0.02 53.68
N GLY A 659 27.03 -1.26 53.20
CA GLY A 659 27.29 -2.39 54.08
C GLY A 659 27.40 -3.76 53.47
N SER A 660 26.95 -4.77 54.23
CA SER A 660 26.96 -6.18 53.86
C SER A 660 25.54 -6.67 53.63
N HIS A 661 25.39 -7.99 53.49
CA HIS A 661 24.06 -8.54 53.28
C HIS A 661 23.15 -8.33 54.50
N ARG A 662 23.63 -8.72 55.68
CA ARG A 662 22.74 -8.81 56.84
C ARG A 662 22.36 -7.43 57.35
N GLU A 663 23.35 -6.54 57.48
CA GLU A 663 23.11 -5.22 58.02
C GLU A 663 22.30 -4.34 57.09
N LEU A 664 22.07 -4.76 55.85
CA LEU A 664 21.22 -4.04 54.91
C LEU A 664 19.95 -4.79 54.55
N MET A 665 19.86 -6.07 54.91
CA MET A 665 18.63 -6.85 54.78
C MET A 665 17.61 -6.48 55.84
N GLU A 666 18.02 -5.72 56.86
CA GLU A 666 17.13 -5.25 57.91
C GLU A 666 16.03 -4.34 57.39
N ARG A 667 16.18 -3.80 56.18
CA ARG A 667 15.15 -2.96 55.59
C ARG A 667 14.01 -3.83 55.08
N ASP A 668 13.07 -3.21 54.37
CA ASP A 668 11.89 -3.91 53.88
C ASP A 668 12.25 -4.68 52.60
N GLY A 669 11.22 -5.14 51.90
CA GLY A 669 11.43 -5.86 50.66
C GLY A 669 12.10 -7.20 50.82
N VAL A 670 11.96 -7.83 51.98
CA VAL A 670 12.66 -9.06 52.28
C VAL A 670 12.10 -10.19 51.44
N TYR A 671 12.85 -11.28 51.32
CA TYR A 671 12.43 -12.45 50.59
C TYR A 671 11.52 -13.37 51.39
N ALA A 672 11.00 -12.87 52.52
CA ALA A 672 10.07 -13.66 53.34
C ALA A 672 8.77 -13.95 52.60
N GLU A 673 8.41 -13.10 51.64
CA GLU A 673 7.27 -13.36 50.76
C GLU A 673 7.69 -13.93 49.42
N LEU A 674 8.95 -14.34 49.28
CA LEU A 674 9.42 -14.98 48.07
C LEU A 674 9.85 -16.42 48.34
N ALA B 95 -11.84 -16.65 -22.74
CA ALA B 95 -12.38 -17.95 -23.15
C ALA B 95 -13.90 -17.89 -23.27
N ILE B 96 -14.58 -18.89 -22.70
CA ILE B 96 -16.03 -18.81 -22.54
C ILE B 96 -16.38 -17.74 -21.52
N ILE B 97 -15.43 -17.42 -20.63
CA ILE B 97 -15.60 -16.34 -19.67
C ILE B 97 -15.75 -15.00 -20.39
N LYS B 98 -15.00 -14.82 -21.49
CA LYS B 98 -15.06 -13.58 -22.23
C LYS B 98 -16.44 -13.37 -22.83
N GLN B 99 -17.02 -14.41 -23.42
CA GLN B 99 -18.38 -14.25 -23.95
C GLN B 99 -19.39 -14.13 -22.83
N MET B 100 -19.13 -14.81 -21.70
CA MET B 100 -20.04 -14.76 -20.56
C MET B 100 -20.21 -13.34 -20.05
N SER B 101 -19.12 -12.58 -20.01
CA SER B 101 -19.28 -11.16 -19.70
C SER B 101 -19.76 -10.39 -20.92
N ARG B 102 -18.97 -10.40 -21.98
CA ARG B 102 -19.07 -9.42 -23.07
C ARG B 102 -20.33 -9.57 -23.90
N TYR B 103 -21.12 -10.63 -23.70
CA TYR B 103 -22.34 -10.73 -24.49
C TYR B 103 -23.52 -10.81 -23.54
N LEU B 104 -23.29 -10.57 -22.26
CA LEU B 104 -24.37 -10.56 -21.30
C LEU B 104 -24.52 -9.26 -20.56
N TRP B 105 -23.46 -8.68 -20.07
CA TRP B 105 -23.64 -7.49 -19.25
C TRP B 105 -23.76 -6.19 -20.05
N PRO B 106 -22.94 -5.93 -21.08
CA PRO B 106 -23.13 -4.67 -21.81
C PRO B 106 -24.39 -4.61 -22.66
N LYS B 107 -25.08 -5.73 -22.86
CA LYS B 107 -26.29 -5.77 -23.69
C LYS B 107 -27.50 -6.14 -22.84
N ASP B 108 -28.12 -5.17 -22.18
CA ASP B 108 -29.34 -5.48 -21.42
C ASP B 108 -30.56 -4.61 -21.70
N SER B 109 -30.38 -3.30 -21.84
CA SER B 109 -31.49 -2.36 -21.96
C SER B 109 -31.44 -1.72 -23.33
N TRP B 110 -32.24 -0.66 -23.51
CA TRP B 110 -32.05 0.11 -24.73
C TRP B 110 -30.95 1.14 -24.56
N SER B 111 -31.04 1.96 -23.52
CA SER B 111 -30.12 3.08 -23.37
C SER B 111 -28.68 2.58 -23.32
N ASP B 112 -28.43 1.52 -22.57
CA ASP B 112 -27.09 0.99 -22.48
C ASP B 112 -26.62 0.42 -23.81
N LYS B 113 -27.48 -0.27 -24.55
CA LYS B 113 -27.08 -0.71 -25.87
C LYS B 113 -26.78 0.48 -26.77
N ALA B 114 -27.54 1.56 -26.61
CA ALA B 114 -27.27 2.77 -27.39
C ALA B 114 -25.89 3.29 -27.07
N ARG B 115 -25.54 3.34 -25.79
CA ARG B 115 -24.24 3.85 -25.42
C ARG B 115 -23.14 2.96 -25.94
N VAL B 116 -23.38 1.66 -26.03
CA VAL B 116 -22.35 0.79 -26.60
C VAL B 116 -22.15 1.12 -28.06
N LEU B 117 -23.24 1.27 -28.81
CA LEU B 117 -23.09 1.53 -30.24
C LEU B 117 -22.50 2.90 -30.47
N LEU B 118 -22.88 3.88 -29.66
CA LEU B 118 -22.25 5.18 -29.73
C LEU B 118 -20.76 5.06 -29.56
N ALA B 119 -20.32 4.33 -28.54
CA ALA B 119 -18.89 4.18 -28.32
C ALA B 119 -18.23 3.54 -29.52
N LEU B 120 -18.83 2.50 -30.07
CA LEU B 120 -18.18 1.81 -31.19
C LEU B 120 -18.15 2.70 -32.42
N SER B 121 -19.20 3.49 -32.63
CA SER B 121 -19.18 4.39 -33.77
C SER B 121 -18.08 5.40 -33.61
N LEU B 122 -17.94 5.95 -32.39
CA LEU B 122 -16.85 6.91 -32.15
C LEU B 122 -15.51 6.26 -32.34
N LEU B 123 -15.40 4.97 -31.99
CA LEU B 123 -14.14 4.27 -32.22
C LEU B 123 -13.78 4.31 -33.69
N VAL B 124 -14.70 3.85 -34.53
CA VAL B 124 -14.40 3.81 -35.96
C VAL B 124 -14.29 5.21 -36.51
N GLY B 125 -15.11 6.13 -36.01
CA GLY B 125 -15.07 7.49 -36.52
C GLY B 125 -13.74 8.13 -36.22
N GLY B 126 -13.24 7.92 -35.01
CA GLY B 126 -11.94 8.45 -34.67
C GLY B 126 -10.87 7.91 -35.56
N LYS B 127 -10.91 6.61 -35.83
CA LYS B 127 -9.82 6.06 -36.63
C LYS B 127 -9.90 6.54 -38.07
N VAL B 128 -11.11 6.77 -38.58
CA VAL B 128 -11.22 7.31 -39.92
C VAL B 128 -10.64 8.71 -39.97
N LEU B 129 -10.98 9.55 -39.00
CA LEU B 129 -10.43 10.89 -38.99
C LEU B 129 -8.93 10.83 -38.80
N ASN B 130 -8.47 9.83 -38.09
CA ASN B 130 -7.04 9.70 -37.82
C ASN B 130 -6.30 9.51 -39.12
N VAL B 131 -6.78 8.59 -39.96
CA VAL B 131 -6.07 8.35 -41.20
C VAL B 131 -6.40 9.39 -42.24
N HIS B 132 -7.28 10.33 -41.93
CA HIS B 132 -7.43 11.48 -42.81
C HIS B 132 -6.50 12.61 -42.48
N VAL B 133 -5.87 12.62 -41.31
CA VAL B 133 -4.88 13.68 -41.04
C VAL B 133 -3.71 13.64 -42.00
N PRO B 134 -3.02 12.50 -42.21
CA PRO B 134 -1.95 12.50 -43.22
C PRO B 134 -2.41 12.79 -44.62
N PHE B 135 -3.59 12.34 -45.00
CA PHE B 135 -4.07 12.56 -46.35
C PHE B 135 -4.29 14.03 -46.63
N TYR B 136 -4.89 14.74 -45.70
CA TYR B 136 -5.03 16.17 -45.93
C TYR B 136 -3.68 16.85 -45.90
N PHE B 137 -2.74 16.32 -45.15
CA PHE B 137 -1.40 16.90 -45.16
C PHE B 137 -0.78 16.76 -46.55
N ARG B 138 -0.91 15.59 -47.19
CA ARG B 138 -0.36 15.50 -48.54
C ARG B 138 -1.14 16.37 -49.50
N GLU B 139 -2.44 16.57 -49.24
CA GLU B 139 -3.19 17.43 -50.13
C GLU B 139 -2.65 18.84 -50.06
N ILE B 140 -2.35 19.32 -48.85
CA ILE B 140 -1.76 20.64 -48.71
C ILE B 140 -0.47 20.72 -49.49
N ILE B 141 0.40 19.72 -49.33
CA ILE B 141 1.67 19.76 -50.03
C ILE B 141 1.43 19.78 -51.53
N ASP B 142 0.58 18.89 -52.01
CA ASP B 142 0.41 18.74 -53.43
C ASP B 142 -0.39 19.87 -54.05
N ARG B 143 -0.98 20.74 -53.25
CA ARG B 143 -1.68 21.86 -53.82
C ARG B 143 -0.86 23.13 -53.81
N LEU B 144 0.19 23.19 -53.00
CA LEU B 144 1.09 24.32 -53.03
C LEU B 144 2.33 24.03 -53.84
N ASN B 145 2.51 22.79 -54.27
CA ASN B 145 3.64 22.38 -55.07
C ASN B 145 3.30 22.63 -56.55
N ILE B 146 3.17 23.91 -56.86
CA ILE B 146 2.75 24.36 -58.18
C ILE B 146 3.72 25.42 -58.67
N ASP B 147 3.48 25.90 -59.89
CA ASP B 147 4.28 27.00 -60.40
C ASP B 147 3.84 28.31 -59.76
N VAL B 148 4.35 28.60 -58.57
CA VAL B 148 3.83 29.62 -57.66
C VAL B 148 3.75 30.99 -58.32
N ALA B 149 4.82 31.37 -59.03
CA ALA B 149 4.85 32.67 -59.66
C ALA B 149 3.88 32.77 -60.83
N ALA B 150 3.35 31.64 -61.27
CA ALA B 150 2.56 31.58 -62.49
C ALA B 150 1.08 31.32 -62.26
N VAL B 151 0.70 30.57 -61.23
CA VAL B 151 -0.69 30.13 -61.15
C VAL B 151 -1.39 30.48 -59.84
N GLY B 152 -0.82 30.11 -58.70
CA GLY B 152 -1.54 30.23 -57.44
C GLY B 152 -1.50 31.63 -56.87
N GLY B 153 -2.65 32.08 -56.37
CA GLY B 153 -2.75 33.45 -55.92
C GLY B 153 -2.82 33.70 -54.42
N THR B 154 -3.66 32.97 -53.71
CA THR B 154 -3.83 33.16 -52.28
C THR B 154 -4.03 31.81 -51.63
N VAL B 155 -3.56 31.66 -50.40
CA VAL B 155 -4.10 30.63 -49.55
C VAL B 155 -5.53 31.03 -49.27
N SER B 156 -6.38 30.05 -48.94
CA SER B 156 -7.83 30.14 -48.79
C SER B 156 -8.49 30.08 -50.15
N ALA B 157 -7.72 29.93 -51.17
CA ALA B 157 -8.21 29.61 -52.50
C ALA B 157 -7.41 28.50 -53.14
N VAL B 158 -6.15 28.34 -52.72
CA VAL B 158 -5.33 27.25 -53.21
C VAL B 158 -5.43 26.06 -52.27
N ALA B 159 -5.19 26.29 -50.99
CA ALA B 159 -5.22 25.17 -50.05
C ALA B 159 -5.89 25.51 -48.74
N GLY B 160 -6.77 26.50 -48.67
CA GLY B 160 -7.38 26.83 -47.40
C GLY B 160 -8.31 25.74 -46.90
N ALA B 161 -9.06 25.13 -47.82
CA ALA B 161 -9.98 24.08 -47.43
C ALA B 161 -9.26 22.92 -46.78
N VAL B 162 -8.15 22.46 -47.38
CA VAL B 162 -7.46 21.33 -46.80
C VAL B 162 -6.58 21.74 -45.64
N ILE B 163 -6.16 23.00 -45.55
CA ILE B 163 -5.47 23.42 -44.33
C ILE B 163 -6.42 23.38 -43.14
N PHE B 164 -7.66 23.82 -43.32
CA PHE B 164 -8.66 23.68 -42.27
C PHE B 164 -9.05 22.24 -42.03
N ALA B 165 -9.14 21.42 -43.07
CA ALA B 165 -9.53 20.03 -42.89
C ALA B 165 -8.45 19.23 -42.21
N TYR B 166 -7.19 19.63 -42.40
CA TYR B 166 -6.11 18.98 -41.67
C TYR B 166 -6.28 19.17 -40.18
N GLY B 167 -6.50 20.42 -39.76
CA GLY B 167 -6.68 20.68 -38.35
C GLY B 167 -7.95 20.09 -37.79
N ALA B 168 -9.03 20.13 -38.57
CA ALA B 168 -10.28 19.55 -38.09
C ALA B 168 -10.16 18.04 -37.94
N SER B 169 -9.53 17.34 -38.87
CA SER B 169 -9.33 15.92 -38.70
C SER B 169 -8.42 15.62 -37.53
N ARG B 170 -7.43 16.45 -37.31
CA ARG B 170 -6.51 16.28 -36.20
C ARG B 170 -7.24 16.40 -34.84
N ILE B 171 -7.98 17.49 -34.66
CA ILE B 171 -8.77 17.72 -33.46
C ILE B 171 -9.85 16.67 -33.32
N GLY B 172 -10.57 16.35 -34.39
CA GLY B 172 -11.63 15.39 -34.30
C GLY B 172 -11.16 13.98 -34.02
N ALA B 173 -9.99 13.64 -34.51
CA ALA B 173 -9.47 12.30 -34.28
C ALA B 173 -9.07 12.12 -32.85
N VAL B 174 -8.70 13.18 -32.13
CA VAL B 174 -8.48 12.97 -30.70
C VAL B 174 -9.75 13.17 -29.88
N VAL B 175 -10.64 14.07 -30.26
CA VAL B 175 -11.88 14.27 -29.52
C VAL B 175 -12.73 13.02 -29.61
N SER B 176 -12.68 12.31 -30.72
CA SER B 176 -13.42 11.07 -30.83
C SER B 176 -12.84 9.99 -29.95
N GLN B 177 -11.53 9.90 -29.81
CA GLN B 177 -10.97 8.97 -28.83
C GLN B 177 -11.43 9.31 -27.44
N GLU B 178 -11.39 10.58 -27.07
CA GLU B 178 -11.69 10.90 -25.70
C GLU B 178 -13.16 10.73 -25.39
N LEU B 179 -14.03 11.01 -26.36
CA LEU B 179 -15.44 10.74 -26.14
C LEU B 179 -15.73 9.25 -26.15
N ARG B 180 -15.02 8.48 -26.95
CA ARG B 180 -15.18 7.03 -26.90
C ARG B 180 -14.78 6.49 -25.56
N ASN B 181 -13.67 6.95 -25.02
CA ASN B 181 -13.23 6.50 -23.71
C ASN B 181 -14.21 6.94 -22.62
N ALA B 182 -14.69 8.17 -22.68
CA ALA B 182 -15.58 8.66 -21.63
C ALA B 182 -16.95 8.01 -21.69
N VAL B 183 -17.39 7.56 -22.86
CA VAL B 183 -18.67 6.86 -22.97
C VAL B 183 -18.52 5.40 -22.60
N PHE B 184 -17.47 4.75 -23.05
CA PHE B 184 -17.34 3.35 -22.69
C PHE B 184 -16.92 3.16 -21.25
N SER B 185 -16.33 4.16 -20.61
CA SER B 185 -16.10 4.01 -19.18
C SER B 185 -17.42 3.96 -18.44
N SER B 186 -18.39 4.73 -18.89
CA SER B 186 -19.73 4.65 -18.31
C SER B 186 -20.37 3.30 -18.57
N VAL B 187 -20.25 2.79 -19.79
CA VAL B 187 -20.83 1.49 -20.12
C VAL B 187 -20.20 0.40 -19.27
N ALA B 188 -18.87 0.41 -19.18
CA ALA B 188 -18.18 -0.58 -18.38
C ALA B 188 -18.59 -0.47 -16.92
N GLN B 189 -18.64 0.74 -16.37
CA GLN B 189 -18.98 0.89 -14.97
C GLN B 189 -20.37 0.39 -14.66
N LYS B 190 -21.33 0.58 -15.56
CA LYS B 190 -22.63 0.03 -15.26
C LYS B 190 -22.63 -1.49 -15.36
N ALA B 191 -21.84 -2.06 -16.26
CA ALA B 191 -21.77 -3.52 -16.34
C ALA B 191 -21.14 -4.12 -15.10
N ILE B 192 -20.01 -3.57 -14.64
CA ILE B 192 -19.47 -3.94 -13.33
C ILE B 192 -20.41 -3.69 -12.17
N ARG B 193 -21.18 -2.61 -12.17
CA ARG B 193 -22.12 -2.46 -11.07
C ARG B 193 -23.14 -3.58 -11.06
N ARG B 194 -23.66 -3.95 -12.22
CA ARG B 194 -24.62 -5.06 -12.26
C ARG B 194 -24.00 -6.38 -11.83
N VAL B 195 -22.78 -6.65 -12.29
CA VAL B 195 -22.11 -7.89 -11.91
C VAL B 195 -21.84 -7.94 -10.43
N ALA B 196 -21.30 -6.86 -9.86
CA ALA B 196 -20.97 -6.86 -8.45
C ALA B 196 -22.20 -6.94 -7.58
N THR B 197 -23.27 -6.23 -7.93
CA THR B 197 -24.44 -6.28 -7.08
C THR B 197 -25.14 -7.62 -7.18
N GLN B 198 -25.12 -8.25 -8.34
CA GLN B 198 -25.71 -9.59 -8.42
C GLN B 198 -24.88 -10.60 -7.66
N THR B 199 -23.56 -10.55 -7.79
CA THR B 199 -22.72 -11.52 -7.08
C THR B 199 -22.86 -11.37 -5.59
N PHE B 200 -22.91 -10.13 -5.11
CA PHE B 200 -23.06 -9.92 -3.68
C PHE B 200 -24.42 -10.39 -3.19
N GLY B 201 -25.47 -10.20 -3.99
CA GLY B 201 -26.75 -10.76 -3.62
C GLY B 201 -26.74 -12.27 -3.56
N HIS B 202 -26.02 -12.89 -4.49
CA HIS B 202 -25.88 -14.33 -4.46
C HIS B 202 -25.12 -14.79 -3.22
N LEU B 203 -24.08 -14.06 -2.84
CA LEU B 203 -23.33 -14.44 -1.65
C LEU B 203 -24.19 -14.36 -0.42
N LEU B 204 -25.00 -13.31 -0.30
CA LEU B 204 -25.92 -13.27 0.83
C LEU B 204 -26.95 -14.36 0.78
N ASN B 205 -27.26 -14.90 -0.39
CA ASN B 205 -28.14 -16.05 -0.49
C ASN B 205 -27.48 -17.34 0.00
N LEU B 206 -26.17 -17.48 -0.14
CA LEU B 206 -25.49 -18.73 0.15
C LEU B 206 -25.55 -19.07 1.63
N ASP B 207 -25.43 -20.36 1.93
CA ASP B 207 -25.69 -20.85 3.27
C ASP B 207 -24.57 -20.52 4.24
N LEU B 208 -24.90 -20.64 5.52
CA LEU B 208 -23.94 -20.37 6.59
C LEU B 208 -22.73 -21.27 6.53
N SER B 209 -22.89 -22.49 6.02
CA SER B 209 -21.77 -23.41 5.94
C SER B 209 -20.70 -22.87 5.01
N PHE B 210 -21.10 -22.33 3.86
CA PHE B 210 -20.12 -21.75 2.95
C PHE B 210 -19.47 -20.52 3.55
N HIS B 211 -20.26 -19.69 4.23
CA HIS B 211 -19.71 -18.46 4.76
C HIS B 211 -18.77 -18.71 5.93
N LEU B 212 -18.94 -19.83 6.61
CA LEU B 212 -18.07 -20.13 7.73
C LEU B 212 -16.73 -20.73 7.30
N SER B 213 -16.62 -21.20 6.06
CA SER B 213 -15.38 -21.75 5.55
C SER B 213 -14.67 -20.80 4.61
N LYS B 214 -14.77 -19.50 4.86
CA LYS B 214 -14.09 -18.50 4.04
C LYS B 214 -13.47 -17.45 4.95
N GLN B 215 -12.45 -16.78 4.44
CA GLN B 215 -11.82 -15.70 5.18
C GLN B 215 -12.75 -14.49 5.23
N THR B 216 -12.53 -13.65 6.24
CA THR B 216 -13.38 -12.49 6.46
C THR B 216 -13.40 -11.54 5.27
N GLY B 217 -12.23 -11.20 4.75
CA GLY B 217 -12.13 -10.31 3.62
C GLY B 217 -11.92 -11.06 2.32
N GLY B 218 -11.92 -12.39 2.39
CA GLY B 218 -11.66 -13.17 1.19
C GLY B 218 -12.72 -12.99 0.14
N LEU B 219 -13.99 -13.08 0.53
CA LEU B 219 -15.09 -12.94 -0.41
C LEU B 219 -15.10 -11.55 -1.03
N THR B 220 -14.88 -10.52 -0.22
CA THR B 220 -14.98 -9.18 -0.76
C THR B 220 -13.78 -8.82 -1.60
N ARG B 221 -12.59 -9.32 -1.29
CA ARG B 221 -11.50 -9.07 -2.22
C ARG B 221 -11.68 -9.87 -3.49
N ALA B 222 -12.36 -11.01 -3.43
CA ALA B 222 -12.71 -11.71 -4.67
C ALA B 222 -13.64 -10.85 -5.50
N ILE B 223 -14.65 -10.24 -4.88
CA ILE B 223 -15.56 -9.34 -5.60
C ILE B 223 -14.80 -8.19 -6.21
N ASP B 224 -13.95 -7.55 -5.42
CA ASP B 224 -13.30 -6.32 -5.87
C ASP B 224 -12.28 -6.60 -6.94
N ARG B 225 -11.49 -7.66 -6.80
CA ARG B 225 -10.52 -7.99 -7.81
C ARG B 225 -11.20 -8.50 -9.07
N GLY B 226 -12.33 -9.19 -8.94
CA GLY B 226 -13.04 -9.63 -10.12
C GLY B 226 -13.62 -8.47 -10.91
N THR B 227 -14.14 -7.47 -10.22
CA THR B 227 -14.66 -6.32 -10.94
C THR B 227 -13.55 -5.47 -11.51
N LYS B 228 -12.41 -5.37 -10.85
CA LYS B 228 -11.28 -4.71 -11.52
C LYS B 228 -10.80 -5.49 -12.71
N GLY B 229 -10.89 -6.81 -12.69
CA GLY B 229 -10.54 -7.60 -13.86
C GLY B 229 -11.49 -7.39 -15.02
N ILE B 230 -12.79 -7.38 -14.75
CA ILE B 230 -13.76 -7.06 -15.79
C ILE B 230 -13.52 -5.67 -16.34
N SER B 231 -13.34 -4.69 -15.46
CA SER B 231 -13.16 -3.33 -15.92
C SER B 231 -11.90 -3.18 -16.74
N TYR B 232 -10.80 -3.80 -16.31
CA TYR B 232 -9.56 -3.65 -17.05
C TYR B 232 -9.64 -4.34 -18.39
N LEU B 233 -10.31 -5.48 -18.45
CA LEU B 233 -10.39 -6.20 -19.72
C LEU B 233 -11.26 -5.45 -20.73
N LEU B 234 -12.42 -4.97 -20.30
CA LEU B 234 -13.27 -4.18 -21.19
C LEU B 234 -12.57 -2.89 -21.60
N THR B 235 -11.98 -2.20 -20.63
CA THR B 235 -11.26 -0.97 -20.89
C THR B 235 -10.11 -1.17 -21.86
N SER B 236 -9.31 -2.21 -21.68
CA SER B 236 -8.22 -2.39 -22.61
C SER B 236 -8.74 -2.73 -23.99
N MET B 237 -9.74 -3.60 -24.08
CA MET B 237 -10.22 -4.01 -25.38
C MET B 237 -10.83 -2.85 -26.17
N VAL B 238 -11.46 -1.90 -25.50
CA VAL B 238 -12.07 -0.81 -26.25
C VAL B 238 -11.15 0.39 -26.34
N PHE B 239 -10.26 0.60 -25.39
CA PHE B 239 -9.41 1.75 -25.39
C PHE B 239 -8.15 1.53 -26.20
N HIS B 240 -7.58 0.34 -26.17
CA HIS B 240 -6.25 0.13 -26.70
C HIS B 240 -6.19 -0.95 -27.77
N ILE B 241 -6.68 -2.15 -27.50
CA ILE B 241 -6.39 -3.28 -28.38
C ILE B 241 -7.19 -3.19 -29.67
N VAL B 242 -8.46 -2.85 -29.59
CA VAL B 242 -9.27 -2.83 -30.80
C VAL B 242 -9.04 -1.58 -31.64
N PRO B 243 -8.91 -0.37 -31.09
CA PRO B 243 -8.51 0.76 -31.93
C PRO B 243 -7.20 0.59 -32.63
N THR B 244 -6.21 0.01 -31.96
CA THR B 244 -4.91 -0.18 -32.58
C THR B 244 -4.97 -1.22 -33.68
N ALA B 245 -5.70 -2.31 -33.48
CA ALA B 245 -5.84 -3.30 -34.54
C ALA B 245 -6.62 -2.74 -35.72
N LEU B 246 -7.64 -1.93 -35.43
CA LEU B 246 -8.39 -1.29 -36.49
C LEU B 246 -7.55 -0.31 -37.27
N GLU B 247 -6.68 0.44 -36.60
CA GLU B 247 -5.88 1.41 -37.31
C GLU B 247 -4.75 0.76 -38.08
N ILE B 248 -4.19 -0.32 -37.57
CA ILE B 248 -3.25 -1.09 -38.37
C ILE B 248 -3.93 -1.64 -39.61
N GLY B 249 -5.17 -2.09 -39.46
CA GLY B 249 -5.90 -2.54 -40.63
C GLY B 249 -6.17 -1.43 -41.63
N MET B 250 -6.61 -0.27 -41.15
CA MET B 250 -6.88 0.86 -42.02
C MET B 250 -5.63 1.32 -42.75
N VAL B 251 -4.51 1.41 -42.03
CA VAL B 251 -3.29 1.91 -42.63
C VAL B 251 -2.71 0.92 -43.61
N CYS B 252 -2.75 -0.38 -43.29
CA CYS B 252 -2.27 -1.36 -44.26
C CYS B 252 -3.18 -1.42 -45.48
N GLY B 253 -4.47 -1.19 -45.29
CA GLY B 253 -5.36 -1.09 -46.43
C GLY B 253 -5.06 0.10 -47.31
N ILE B 254 -4.81 1.26 -46.71
CA ILE B 254 -4.53 2.46 -47.48
C ILE B 254 -3.22 2.32 -48.24
N LEU B 255 -2.17 1.86 -47.56
CA LEU B 255 -0.89 1.71 -48.22
C LEU B 255 -0.91 0.62 -49.27
N THR B 256 -1.73 -0.42 -49.11
CA THR B 256 -1.86 -1.39 -50.18
C THR B 256 -2.63 -0.83 -51.35
N TYR B 257 -3.62 0.00 -51.09
CA TYR B 257 -4.41 0.54 -52.18
C TYR B 257 -3.58 1.48 -53.03
N GLN B 258 -2.86 2.40 -52.41
CA GLN B 258 -2.28 3.49 -53.19
C GLN B 258 -0.85 3.22 -53.60
N PHE B 259 -0.09 2.49 -52.79
CA PHE B 259 1.33 2.41 -53.00
C PHE B 259 1.81 1.01 -53.35
N GLY B 260 1.21 -0.02 -52.78
CA GLY B 260 1.60 -1.36 -53.14
C GLY B 260 1.56 -2.24 -51.92
N TRP B 261 1.59 -3.53 -52.14
CA TRP B 261 1.55 -4.46 -51.04
C TRP B 261 2.82 -4.45 -50.21
N GLU B 262 3.93 -3.93 -50.73
CA GLU B 262 5.15 -3.97 -49.95
C GLU B 262 5.16 -2.91 -48.86
N PHE B 263 4.45 -1.81 -49.04
CA PHE B 263 4.31 -0.87 -47.94
C PHE B 263 3.50 -1.46 -46.81
N ALA B 264 2.45 -2.21 -47.13
CA ALA B 264 1.70 -2.87 -46.07
C ALA B 264 2.51 -4.01 -45.46
N ALA B 265 3.29 -4.71 -46.24
CA ALA B 265 4.14 -5.75 -45.67
C ALA B 265 5.15 -5.17 -44.70
N ILE B 266 5.73 -4.02 -45.03
CA ILE B 266 6.67 -3.39 -44.12
C ILE B 266 5.96 -2.84 -42.89
N THR B 267 4.76 -2.31 -43.04
CA THR B 267 4.06 -1.80 -41.87
C THR B 267 3.59 -2.92 -40.94
N ALA B 268 3.11 -4.02 -41.51
CA ALA B 268 2.71 -5.15 -40.67
C ALA B 268 3.91 -5.81 -40.03
N ALA B 269 5.02 -5.91 -40.74
CA ALA B 269 6.23 -6.46 -40.13
C ALA B 269 6.76 -5.54 -39.05
N THR B 270 6.61 -4.24 -39.22
CA THR B 270 6.99 -3.31 -38.16
C THR B 270 6.12 -3.45 -36.94
N MET B 271 4.82 -3.57 -37.12
CA MET B 271 3.93 -3.77 -35.99
C MET B 271 4.18 -5.08 -35.28
N ALA B 272 4.44 -6.15 -36.03
CA ALA B 272 4.78 -7.42 -35.42
C ALA B 272 6.09 -7.36 -34.68
N ALA B 273 7.12 -6.75 -35.29
CA ALA B 273 8.41 -6.67 -34.62
C ALA B 273 8.33 -5.79 -33.39
N TYR B 274 7.62 -4.68 -33.48
CA TYR B 274 7.48 -3.80 -32.33
C TYR B 274 6.76 -4.51 -31.20
N THR B 275 5.70 -5.25 -31.51
CA THR B 275 4.98 -5.93 -30.44
C THR B 275 5.78 -7.08 -29.85
N ALA B 276 6.43 -7.87 -30.70
CA ALA B 276 7.25 -8.96 -30.18
C ALA B 276 8.36 -8.43 -29.31
N PHE B 277 9.06 -7.39 -29.77
CA PHE B 277 10.11 -6.78 -28.98
C PHE B 277 9.58 -6.24 -27.67
N THR B 278 8.49 -5.47 -27.70
CA THR B 278 8.03 -4.82 -26.49
C THR B 278 7.54 -5.84 -25.47
N ILE B 279 6.75 -6.82 -25.91
CA ILE B 279 6.24 -7.83 -24.99
C ILE B 279 7.39 -8.61 -24.36
N THR B 280 8.34 -9.05 -25.18
CA THR B 280 9.44 -9.84 -24.66
C THR B 280 10.29 -9.05 -23.69
N THR B 281 10.73 -7.86 -24.09
CA THR B 281 11.69 -7.17 -23.24
C THR B 281 11.02 -6.54 -22.04
N THR B 282 9.72 -6.30 -22.07
CA THR B 282 9.12 -5.82 -20.85
C THR B 282 8.72 -6.95 -19.94
N ALA B 283 8.75 -8.19 -20.43
CA ALA B 283 8.75 -9.32 -19.52
C ALA B 283 10.08 -9.54 -18.84
N TRP B 284 11.17 -9.20 -19.51
CA TRP B 284 12.51 -9.32 -18.92
C TRP B 284 12.78 -8.20 -17.88
N ARG B 285 12.34 -7.00 -18.18
CA ARG B 285 12.54 -5.87 -17.28
C ARG B 285 11.94 -6.07 -15.91
N THR B 286 10.91 -6.90 -15.75
CA THR B 286 10.28 -7.01 -14.45
C THR B 286 11.13 -7.80 -13.48
N LYS B 287 11.94 -8.73 -13.97
CA LYS B 287 12.98 -9.33 -13.13
C LYS B 287 13.80 -8.24 -12.50
N PHE B 288 14.26 -7.31 -13.33
CA PHE B 288 15.12 -6.25 -12.81
C PHE B 288 14.40 -5.35 -11.84
N ARG B 289 13.15 -5.02 -12.13
CA ARG B 289 12.41 -4.12 -11.26
C ARG B 289 12.16 -4.75 -9.90
N ARG B 290 11.85 -6.05 -9.86
CA ARG B 290 11.64 -6.70 -8.57
C ARG B 290 12.94 -6.83 -7.80
N GLN B 291 14.06 -7.11 -8.47
CA GLN B 291 15.33 -7.14 -7.76
C GLN B 291 15.65 -5.80 -7.13
N ALA B 292 15.48 -4.71 -7.88
CA ALA B 292 15.78 -3.39 -7.36
C ALA B 292 14.86 -3.02 -6.23
N ASN B 293 13.59 -3.38 -6.33
CA ASN B 293 12.65 -3.09 -5.25
C ASN B 293 13.03 -3.85 -3.98
N ALA B 294 13.44 -5.11 -4.11
CA ALA B 294 13.86 -5.88 -2.96
C ALA B 294 15.12 -5.31 -2.33
N ALA B 295 16.08 -4.87 -3.14
CA ALA B 295 17.29 -4.28 -2.58
C ALA B 295 17.01 -2.96 -1.89
N ASP B 296 16.06 -2.19 -2.41
CA ASP B 296 15.61 -0.99 -1.72
C ASP B 296 15.06 -1.31 -0.34
N ASN B 297 14.20 -2.31 -0.26
CA ASN B 297 13.64 -2.67 1.04
C ASN B 297 14.71 -3.19 1.97
N ALA B 298 15.71 -3.88 1.44
CA ALA B 298 16.80 -4.36 2.30
C ALA B 298 17.58 -3.20 2.89
N ALA B 299 17.89 -2.18 2.09
CA ALA B 299 18.61 -1.02 2.63
C ALA B 299 17.78 -0.29 3.66
N SER B 300 16.48 -0.13 3.38
CA SER B 300 15.61 0.53 4.34
C SER B 300 15.55 -0.23 5.65
N THR B 301 15.48 -1.56 5.58
CA THR B 301 15.40 -2.35 6.80
C THR B 301 16.70 -2.31 7.58
N VAL B 302 17.85 -2.24 6.90
CA VAL B 302 19.10 -2.06 7.61
C VAL B 302 19.08 -0.76 8.40
N ALA B 303 18.61 0.32 7.78
CA ALA B 303 18.51 1.58 8.50
C ALA B 303 17.55 1.51 9.67
N VAL B 304 16.37 0.92 9.46
CA VAL B 304 15.37 0.86 10.52
C VAL B 304 15.88 0.06 11.69
N ASP B 305 16.44 -1.11 11.41
CA ASP B 305 16.92 -1.99 12.46
C ASP B 305 18.10 -1.39 13.20
N SER B 306 18.89 -0.55 12.54
CA SER B 306 20.01 0.05 13.25
C SER B 306 19.57 1.27 14.05
N LEU B 307 18.47 1.91 13.66
CA LEU B 307 18.02 3.06 14.44
C LEU B 307 17.16 2.63 15.63
N ILE B 308 16.43 1.53 15.50
CA ILE B 308 15.68 1.02 16.63
C ILE B 308 16.64 0.64 17.73
N ASN B 309 17.70 -0.08 17.38
CA ASN B 309 18.60 -0.61 18.39
C ASN B 309 19.73 0.37 18.63
N TYR B 310 19.37 1.64 18.82
CA TYR B 310 20.37 2.70 18.82
C TYR B 310 21.24 2.64 20.05
N GLU B 311 20.63 2.45 21.22
CA GLU B 311 21.42 2.38 22.44
C GLU B 311 22.38 1.21 22.40
N ALA B 312 22.00 0.12 21.74
CA ALA B 312 22.94 -0.98 21.57
C ALA B 312 24.03 -0.63 20.57
N VAL B 313 23.72 0.25 19.61
CA VAL B 313 24.74 0.70 18.69
C VAL B 313 25.81 1.48 19.42
N LYS B 314 25.42 2.37 20.31
CA LYS B 314 26.46 3.17 20.95
C LYS B 314 27.01 2.56 22.22
N TYR B 315 26.35 1.57 22.81
CA TYR B 315 26.98 0.85 23.91
C TYR B 315 28.18 0.05 23.47
N PHE B 316 28.13 -0.49 22.26
CA PHE B 316 29.18 -1.33 21.74
C PHE B 316 30.05 -0.62 20.71
N ASN B 317 29.91 0.69 20.60
CA ASN B 317 30.75 1.57 19.80
C ASN B 317 30.69 1.26 18.32
N ASN B 318 29.62 0.64 17.85
CA ASN B 318 29.55 0.18 16.46
C ASN B 318 28.81 1.17 15.58
N GLU B 319 29.26 2.41 15.58
CA GLU B 319 28.65 3.33 14.64
C GLU B 319 29.22 3.18 13.24
N ALA B 320 30.54 3.02 13.13
CA ALA B 320 31.15 2.86 11.82
C ALA B 320 30.71 1.56 11.18
N TYR B 321 30.49 0.53 11.97
CA TYR B 321 30.00 -0.73 11.44
C TYR B 321 28.62 -0.58 10.82
N GLU B 322 27.73 0.15 11.46
CA GLU B 322 26.38 0.29 10.93
C GLU B 322 26.33 1.28 9.77
N ILE B 323 27.17 2.31 9.79
CA ILE B 323 27.28 3.14 8.60
C ILE B 323 27.84 2.36 7.42
N ALA B 324 28.77 1.44 7.66
CA ALA B 324 29.23 0.57 6.60
C ALA B 324 28.17 -0.40 6.11
N ARG B 325 27.38 -0.99 7.00
CA ARG B 325 26.31 -1.86 6.56
C ARG B 325 25.26 -1.13 5.76
N TYR B 326 24.86 0.06 6.19
CA TYR B 326 23.90 0.83 5.40
C TYR B 326 24.49 1.21 4.06
N ASP B 327 25.76 1.59 4.03
CA ASP B 327 26.41 1.95 2.78
C ASP B 327 26.45 0.75 1.83
N LYS B 328 26.78 -0.42 2.34
CA LYS B 328 26.82 -1.59 1.48
C LYS B 328 25.44 -1.98 0.97
N ALA B 329 24.41 -1.87 1.81
CA ALA B 329 23.07 -2.18 1.33
C ALA B 329 22.61 -1.17 0.30
N LEU B 330 22.95 0.10 0.48
CA LEU B 330 22.59 1.11 -0.50
C LEU B 330 23.36 0.92 -1.80
N GLN B 331 24.58 0.45 -1.72
CA GLN B 331 25.34 0.18 -2.93
C GLN B 331 24.77 -1.00 -3.69
N ALA B 332 24.34 -2.03 -2.97
CA ALA B 332 23.66 -3.14 -3.63
C ALA B 332 22.32 -2.71 -4.18
N TYR B 333 21.74 -1.64 -3.65
CA TYR B 333 20.54 -1.09 -4.27
C TYR B 333 20.87 -0.34 -5.55
N GLU B 334 21.93 0.46 -5.56
CA GLU B 334 22.17 1.20 -6.78
C GLU B 334 22.64 0.29 -7.90
N ARG B 335 23.29 -0.82 -7.57
CA ARG B 335 23.68 -1.75 -8.63
C ARG B 335 22.50 -2.47 -9.25
N SER B 336 21.31 -2.38 -8.67
CA SER B 336 20.14 -2.92 -9.32
C SER B 336 19.29 -1.82 -9.93
N SER B 337 19.37 -0.62 -9.38
CA SER B 337 18.72 0.49 -10.05
C SER B 337 19.39 0.79 -11.39
N ILE B 338 20.67 0.51 -11.51
CA ILE B 338 21.35 0.65 -12.80
C ILE B 338 20.76 -0.31 -13.81
N LYS B 339 20.47 -1.55 -13.40
CA LYS B 339 19.92 -2.50 -14.34
C LYS B 339 18.51 -2.13 -14.73
N VAL B 340 17.73 -1.58 -13.80
CA VAL B 340 16.40 -1.11 -14.16
C VAL B 340 16.48 0.00 -15.20
N ALA B 341 17.35 0.99 -14.97
CA ALA B 341 17.40 2.13 -15.88
C ALA B 341 18.03 1.78 -17.21
N THR B 342 19.05 0.94 -17.22
CA THR B 342 19.66 0.52 -18.47
C THR B 342 18.72 -0.33 -19.31
N SER B 343 17.96 -1.23 -18.68
CA SER B 343 17.02 -2.01 -19.46
C SER B 343 15.87 -1.16 -19.95
N LEU B 344 15.52 -0.10 -19.23
CA LEU B 344 14.53 0.82 -19.77
C LEU B 344 15.07 1.56 -20.97
N ALA B 345 16.34 1.93 -20.94
CA ALA B 345 16.97 2.51 -22.12
C ALA B 345 16.91 1.55 -23.29
N PHE B 346 17.18 0.27 -23.03
CA PHE B 346 17.10 -0.74 -24.08
C PHE B 346 15.70 -0.83 -24.67
N LEU B 347 14.69 -0.92 -23.82
CA LEU B 347 13.30 -0.92 -24.27
C LEU B 347 13.00 0.25 -25.17
N ASN B 348 13.17 1.47 -24.68
CA ASN B 348 12.74 2.65 -25.42
C ASN B 348 13.53 2.84 -26.71
N SER B 349 14.84 2.66 -26.66
CA SER B 349 15.65 2.87 -27.84
C SER B 349 15.43 1.78 -28.85
N GLY B 350 15.13 0.55 -28.42
CA GLY B 350 14.82 -0.49 -29.39
C GLY B 350 13.50 -0.26 -30.08
N GLN B 351 12.51 0.21 -29.34
CA GLN B 351 11.22 0.50 -29.96
C GLN B 351 11.36 1.56 -31.04
N ASN B 352 12.11 2.61 -30.73
CA ASN B 352 12.26 3.66 -31.73
C ASN B 352 13.22 3.26 -32.84
N ILE B 353 14.12 2.32 -32.59
CA ILE B 353 14.92 1.79 -33.69
C ILE B 353 14.03 1.04 -34.67
N ILE B 354 13.03 0.32 -34.16
CA ILE B 354 12.13 -0.42 -35.05
C ILE B 354 11.29 0.52 -35.89
N PHE B 355 10.66 1.52 -35.27
CA PHE B 355 9.91 2.45 -36.10
C PHE B 355 10.77 3.30 -36.99
N SER B 356 11.99 3.62 -36.61
CA SER B 356 12.79 4.48 -37.46
C SER B 356 13.34 3.71 -38.63
N SER B 357 13.64 2.43 -38.44
CA SER B 357 13.97 1.58 -39.56
C SER B 357 12.82 1.44 -40.53
N ALA B 358 11.59 1.30 -40.02
CA ALA B 358 10.45 1.27 -40.92
C ALA B 358 10.28 2.56 -41.68
N LEU B 359 10.32 3.70 -40.98
CA LEU B 359 10.04 4.98 -41.60
C LEU B 359 11.15 5.40 -42.55
N THR B 360 12.35 4.87 -42.41
CA THR B 360 13.38 5.10 -43.39
C THR B 360 13.30 4.16 -44.57
N LEU B 361 13.02 2.88 -44.34
CA LEU B 361 12.85 1.96 -45.45
C LEU B 361 11.71 2.37 -46.35
N MET B 362 10.61 2.79 -45.78
CA MET B 362 9.48 3.22 -46.59
C MET B 362 9.66 4.61 -47.15
N MET B 363 10.58 5.40 -46.63
CA MET B 363 10.97 6.61 -47.32
C MET B 363 11.84 6.32 -48.51
N TRP B 364 12.72 5.35 -48.41
CA TRP B 364 13.47 4.91 -49.57
C TRP B 364 12.56 4.34 -50.63
N LEU B 365 11.60 3.52 -50.24
CA LEU B 365 10.67 2.97 -51.21
C LEU B 365 9.70 4.01 -51.75
N GLY B 366 9.40 5.05 -51.01
CA GLY B 366 8.62 6.14 -51.55
C GLY B 366 9.40 7.05 -52.44
N ALA B 367 10.67 7.27 -52.16
CA ALA B 367 11.52 8.03 -53.03
C ALA B 367 11.79 7.30 -54.33
N ARG B 368 11.99 5.99 -54.27
CA ARG B 368 12.12 5.17 -55.45
C ARG B 368 10.90 5.28 -56.35
N GLY B 369 9.73 5.55 -55.79
CA GLY B 369 8.53 5.68 -56.57
C GLY B 369 8.20 7.10 -56.92
N VAL B 370 8.81 8.07 -56.24
CA VAL B 370 8.73 9.46 -56.67
C VAL B 370 9.62 9.69 -57.87
N LEU B 371 10.82 9.13 -57.89
CA LEU B 371 11.73 9.25 -59.02
C LEU B 371 11.26 8.48 -60.23
N ALA B 372 10.25 7.63 -60.08
CA ALA B 372 9.70 6.93 -61.22
C ALA B 372 8.44 7.59 -61.74
N GLY B 373 7.96 8.62 -61.08
CA GLY B 373 6.78 9.34 -61.50
C GLY B 373 5.49 8.83 -60.91
N ASP B 374 5.50 7.67 -60.25
CA ASP B 374 4.27 7.12 -59.69
C ASP B 374 3.70 8.00 -58.59
N LEU B 375 4.52 8.33 -57.62
CA LEU B 375 4.10 9.08 -56.46
C LEU B 375 4.42 10.55 -56.67
N SER B 376 4.01 11.37 -55.73
CA SER B 376 4.43 12.75 -55.66
C SER B 376 5.05 12.95 -54.28
N VAL B 377 5.69 14.10 -54.07
CA VAL B 377 6.35 14.29 -52.80
C VAL B 377 5.38 14.49 -51.66
N GLY B 378 4.12 14.76 -51.95
CA GLY B 378 3.13 14.69 -50.91
C GLY B 378 2.94 13.30 -50.39
N ASP B 379 3.03 12.29 -51.25
CA ASP B 379 2.85 10.92 -50.82
C ASP B 379 3.94 10.44 -49.89
N LEU B 380 5.12 11.03 -49.92
CA LEU B 380 6.11 10.73 -48.90
C LEU B 380 5.61 11.14 -47.53
N VAL B 381 4.97 12.29 -47.44
CA VAL B 381 4.41 12.75 -46.18
C VAL B 381 3.22 11.89 -45.78
N LEU B 382 2.45 11.43 -46.75
CA LEU B 382 1.35 10.51 -46.45
C LEU B 382 1.86 9.22 -45.85
N ILE B 383 2.82 8.58 -46.50
CA ILE B 383 3.40 7.34 -46.00
C ILE B 383 4.00 7.55 -44.62
N ASN B 384 4.81 8.59 -44.47
CA ASN B 384 5.49 8.84 -43.22
C ASN B 384 4.52 9.06 -42.09
N GLN B 385 3.50 9.88 -42.30
CA GLN B 385 2.62 10.22 -41.21
C GLN B 385 1.63 9.12 -40.89
N LEU B 386 1.18 8.33 -41.85
CA LEU B 386 0.34 7.19 -41.52
C LEU B 386 1.06 6.24 -40.58
N VAL B 387 2.28 5.87 -40.91
CA VAL B 387 3.01 4.91 -40.09
C VAL B 387 3.46 5.52 -38.77
N PHE B 388 3.86 6.77 -38.79
CA PHE B 388 4.16 7.39 -37.52
C PHE B 388 2.95 7.39 -36.61
N GLN B 389 1.79 7.79 -37.11
CA GLN B 389 0.60 7.81 -36.27
C GLN B 389 0.25 6.45 -35.76
N LEU B 390 0.63 5.40 -36.48
CA LEU B 390 0.55 4.08 -35.90
C LEU B 390 1.41 3.96 -34.67
N SER B 391 2.57 4.59 -34.64
CA SER B 391 3.43 4.41 -33.47
C SER B 391 2.92 5.10 -32.20
N VAL B 392 1.89 5.94 -32.29
CA VAL B 392 1.51 6.75 -31.12
C VAL B 392 0.70 5.99 -30.08
N PRO B 393 -0.35 5.26 -30.40
CA PRO B 393 -1.17 4.68 -29.35
C PRO B 393 -0.60 3.42 -28.70
N LEU B 394 0.68 3.11 -28.90
CA LEU B 394 1.23 1.82 -28.54
C LEU B 394 1.81 1.78 -27.14
N ASN B 395 1.44 2.72 -26.29
CA ASN B 395 2.00 2.77 -24.95
C ASN B 395 1.49 1.63 -24.08
N PHE B 396 0.30 1.13 -24.33
CA PHE B 396 -0.35 0.10 -23.51
C PHE B 396 0.38 -1.23 -23.54
N LEU B 397 1.27 -1.44 -24.51
CA LEU B 397 1.80 -2.77 -24.78
C LEU B 397 2.70 -3.29 -23.69
N GLY B 398 3.18 -2.46 -22.79
CA GLY B 398 4.00 -2.95 -21.71
C GLY B 398 3.25 -3.93 -20.83
N SER B 399 2.15 -3.45 -20.26
CA SER B 399 1.46 -4.20 -19.23
C SER B 399 0.61 -5.34 -19.78
N VAL B 400 0.12 -5.21 -21.01
CA VAL B 400 -1.05 -5.96 -21.46
C VAL B 400 -0.94 -7.46 -21.28
N TYR B 401 0.17 -8.07 -21.67
CA TYR B 401 0.18 -9.53 -21.57
C TYR B 401 0.28 -10.06 -20.16
N ARG B 402 0.95 -9.38 -19.23
CA ARG B 402 0.82 -9.85 -17.86
C ARG B 402 -0.59 -9.56 -17.35
N GLU B 403 -1.06 -8.35 -17.60
CA GLU B 403 -2.12 -7.83 -16.78
C GLU B 403 -3.46 -8.37 -17.23
N LEU B 404 -3.68 -8.53 -18.55
CA LEU B 404 -4.86 -9.27 -18.99
C LEU B 404 -4.87 -10.68 -18.46
N ARG B 405 -3.72 -11.36 -18.42
CA ARG B 405 -3.74 -12.71 -17.88
C ARG B 405 -4.17 -12.68 -16.43
N GLN B 406 -3.63 -11.74 -15.66
CA GLN B 406 -4.06 -11.62 -14.27
C GLN B 406 -5.54 -11.33 -14.19
N SER B 407 -6.01 -10.41 -15.04
CA SER B 407 -7.40 -9.99 -14.97
C SER B 407 -8.30 -11.13 -15.35
N LEU B 408 -7.85 -12.00 -16.25
CA LEU B 408 -8.69 -13.11 -16.64
C LEU B 408 -8.84 -14.08 -15.48
N LEU B 409 -7.75 -14.30 -14.73
CA LEU B 409 -7.86 -15.09 -13.51
C LEU B 409 -8.81 -14.44 -12.53
N ASP B 410 -8.73 -13.11 -12.38
CA ASP B 410 -9.58 -12.42 -11.44
C ASP B 410 -11.03 -12.53 -11.83
N MET B 411 -11.34 -12.61 -13.12
CA MET B 411 -12.75 -12.83 -13.39
C MET B 411 -13.12 -14.27 -13.15
N GLU B 412 -12.19 -15.19 -13.37
CA GLU B 412 -12.54 -16.60 -13.21
C GLU B 412 -13.00 -16.88 -11.80
N THR B 413 -12.26 -16.38 -10.80
CA THR B 413 -12.69 -16.53 -9.41
C THR B 413 -14.10 -16.01 -9.21
N LEU B 414 -14.36 -14.80 -9.72
CA LEU B 414 -15.66 -14.17 -9.52
C LEU B 414 -16.77 -14.97 -10.18
N PHE B 415 -16.53 -15.48 -11.38
CA PHE B 415 -17.60 -16.18 -12.05
C PHE B 415 -17.65 -17.63 -11.61
N ASP B 416 -16.73 -18.03 -10.73
CA ASP B 416 -16.90 -19.28 -10.01
C ASP B 416 -17.74 -19.09 -8.76
N LEU B 417 -17.60 -17.93 -8.11
CA LEU B 417 -18.45 -17.58 -6.99
C LEU B 417 -19.91 -17.56 -7.39
N GLN B 418 -20.19 -17.14 -8.62
CA GLN B 418 -21.59 -17.17 -9.01
C GLN B 418 -22.12 -18.58 -9.24
N LYS B 419 -21.27 -19.61 -9.20
CA LYS B 419 -21.71 -20.98 -9.43
C LYS B 419 -21.75 -21.84 -8.18
N VAL B 420 -21.43 -21.30 -7.01
CA VAL B 420 -21.60 -22.07 -5.80
C VAL B 420 -23.09 -22.28 -5.54
N ASN B 421 -23.45 -23.51 -5.20
CA ASN B 421 -24.84 -23.85 -5.01
C ASN B 421 -25.25 -23.63 -3.56
N VAL B 422 -26.49 -23.20 -3.40
CA VAL B 422 -27.12 -23.17 -2.08
C VAL B 422 -27.52 -24.60 -1.71
N THR B 423 -27.28 -24.97 -0.44
CA THR B 423 -27.53 -26.35 -0.04
C THR B 423 -28.93 -26.51 0.55
N ILE B 424 -29.26 -25.71 1.55
CA ILE B 424 -30.64 -25.64 2.04
C ILE B 424 -31.54 -25.11 0.93
N ARG B 425 -32.40 -25.97 0.41
CA ARG B 425 -33.28 -25.61 -0.69
C ARG B 425 -34.68 -25.35 -0.19
N GLU B 426 -35.29 -24.28 -0.70
CA GLU B 426 -36.72 -24.10 -0.47
C GLU B 426 -37.48 -25.23 -1.15
N ALA B 427 -38.46 -25.77 -0.43
CA ALA B 427 -39.26 -26.84 -1.00
C ALA B 427 -40.15 -26.29 -2.12
N PRO B 428 -40.24 -27.00 -3.25
CA PRO B 428 -41.17 -26.58 -4.31
C PRO B 428 -42.60 -26.59 -3.80
N ASN B 429 -43.35 -25.55 -4.21
CA ASN B 429 -44.70 -25.30 -3.71
C ASN B 429 -44.71 -25.26 -2.17
N ALA B 430 -43.95 -24.30 -1.63
CA ALA B 430 -43.89 -24.14 -0.19
C ALA B 430 -45.05 -23.27 0.31
N LYS B 431 -45.40 -23.47 1.57
CA LYS B 431 -46.58 -22.84 2.14
C LYS B 431 -46.20 -21.96 3.32
N PRO B 432 -46.40 -20.66 3.23
CA PRO B 432 -46.27 -19.79 4.42
C PRO B 432 -47.42 -20.05 5.38
N LEU B 433 -47.11 -20.64 6.53
CA LEU B 433 -48.18 -21.23 7.32
C LEU B 433 -47.77 -21.31 8.79
N ALA B 434 -48.74 -21.66 9.63
CA ALA B 434 -48.57 -22.00 11.05
C ALA B 434 -48.21 -20.80 11.90
N LEU B 435 -48.41 -19.60 11.40
CA LEU B 435 -48.26 -18.43 12.27
C LEU B 435 -49.43 -18.26 13.23
N PRO B 436 -50.71 -18.22 12.78
CA PRO B 436 -51.79 -18.08 13.78
C PRO B 436 -51.96 -19.30 14.66
N LYS B 437 -51.55 -20.48 14.19
CA LYS B 437 -51.53 -21.66 15.04
C LYS B 437 -50.57 -21.43 16.21
N GLY B 438 -50.97 -21.92 17.39
CA GLY B 438 -50.15 -21.76 18.57
C GLY B 438 -48.78 -22.39 18.38
N GLY B 439 -47.75 -21.57 18.24
CA GLY B 439 -46.45 -22.03 17.81
C GLY B 439 -45.77 -23.01 18.75
N GLU B 440 -45.75 -24.28 18.37
CA GLU B 440 -45.12 -25.32 19.17
C GLU B 440 -44.01 -25.96 18.36
N ILE B 441 -42.92 -26.31 19.01
CA ILE B 441 -41.74 -26.82 18.33
C ILE B 441 -41.59 -28.29 18.67
N ARG B 442 -41.46 -29.13 17.66
CA ARG B 442 -41.39 -30.57 17.87
C ARG B 442 -40.16 -31.14 17.17
N PHE B 443 -39.12 -31.41 17.95
CA PHE B 443 -37.97 -32.17 17.48
C PHE B 443 -38.33 -33.64 17.55
N GLU B 444 -38.08 -34.39 16.46
CA GLU B 444 -38.30 -35.83 16.49
C GLU B 444 -37.08 -36.56 15.94
N ASN B 445 -36.43 -37.35 16.81
CA ASN B 445 -35.39 -38.32 16.42
C ASN B 445 -34.25 -37.66 15.67
N VAL B 446 -33.95 -36.41 16.00
CA VAL B 446 -33.10 -35.60 15.16
C VAL B 446 -31.64 -35.90 15.46
N THR B 447 -30.91 -36.32 14.43
CA THR B 447 -29.46 -36.45 14.51
C THR B 447 -28.85 -35.31 13.71
N PHE B 448 -27.89 -34.63 14.31
CA PHE B 448 -27.23 -33.54 13.59
C PHE B 448 -25.79 -33.46 14.06
N GLY B 449 -24.91 -33.12 13.12
CA GLY B 449 -23.52 -32.94 13.46
C GLY B 449 -22.73 -32.22 12.40
N TYR B 450 -21.98 -31.20 12.81
CA TYR B 450 -20.93 -30.68 11.97
C TYR B 450 -19.91 -31.80 11.79
N TYR B 451 -19.32 -31.89 10.59
CA TYR B 451 -18.38 -32.95 10.25
C TYR B 451 -19.09 -34.28 10.50
N PRO B 452 -19.94 -34.72 9.56
CA PRO B 452 -21.06 -35.63 9.89
C PRO B 452 -20.68 -36.94 10.59
N ASP B 453 -19.42 -37.36 10.51
CA ASP B 453 -19.02 -38.58 11.21
C ASP B 453 -19.13 -38.41 12.72
N ARG B 454 -18.85 -37.20 13.21
CA ARG B 454 -18.89 -36.92 14.64
C ARG B 454 -20.07 -36.02 14.96
N PRO B 455 -21.20 -36.55 15.42
CA PRO B 455 -22.38 -35.71 15.62
C PRO B 455 -22.33 -34.93 16.92
N ILE B 456 -23.35 -34.08 17.10
CA ILE B 456 -23.53 -33.33 18.32
C ILE B 456 -24.88 -33.69 18.95
N LEU B 457 -25.94 -33.73 18.15
CA LEU B 457 -27.25 -34.13 18.62
C LEU B 457 -27.53 -35.54 18.15
N ARG B 458 -27.87 -36.42 19.08
CA ARG B 458 -28.02 -37.85 18.82
C ARG B 458 -29.49 -38.22 19.02
N ASN B 459 -30.24 -38.30 17.93
CA ASN B 459 -31.65 -38.69 17.92
C ASN B 459 -32.47 -37.83 18.89
N LEU B 460 -32.19 -36.53 18.89
CA LEU B 460 -32.83 -35.64 19.84
C LEU B 460 -34.31 -35.50 19.51
N SER B 461 -35.13 -35.47 20.56
CA SER B 461 -36.56 -35.27 20.42
C SER B 461 -37.06 -34.46 21.61
N LEU B 462 -37.83 -33.41 21.33
CA LEU B 462 -38.33 -32.53 22.38
C LEU B 462 -39.56 -31.80 21.87
N THR B 463 -40.31 -31.23 22.81
CA THR B 463 -41.55 -30.51 22.47
C THR B 463 -41.60 -29.21 23.26
N ILE B 464 -41.64 -28.09 22.55
CA ILE B 464 -41.84 -26.77 23.16
C ILE B 464 -43.32 -26.45 23.05
N PRO B 465 -44.04 -26.33 24.17
CA PRO B 465 -45.46 -26.00 24.12
C PRO B 465 -45.71 -24.61 23.54
N ALA B 466 -46.90 -24.44 22.99
CA ALA B 466 -47.30 -23.17 22.41
C ALA B 466 -47.45 -22.12 23.50
N GLY B 467 -47.00 -20.91 23.20
CA GLY B 467 -47.26 -19.76 24.04
C GLY B 467 -46.61 -19.79 25.40
N LYS B 468 -45.62 -20.62 25.61
CA LYS B 468 -45.01 -20.76 26.93
C LYS B 468 -43.55 -20.34 26.88
N LYS B 469 -42.85 -20.59 27.97
CA LYS B 469 -41.46 -20.21 28.15
C LYS B 469 -40.66 -21.45 28.51
N VAL B 470 -39.68 -21.79 27.68
CA VAL B 470 -38.90 -23.01 27.84
C VAL B 470 -37.43 -22.64 27.81
N ALA B 471 -36.67 -23.18 28.76
CA ALA B 471 -35.23 -22.98 28.78
C ALA B 471 -34.54 -24.33 28.77
N VAL B 472 -33.58 -24.50 27.88
CA VAL B 472 -32.79 -25.72 27.86
C VAL B 472 -31.47 -25.43 28.56
N VAL B 473 -30.93 -26.45 29.20
CA VAL B 473 -29.77 -26.31 30.06
C VAL B 473 -28.82 -27.48 29.82
N GLY B 474 -27.54 -27.20 29.96
CA GLY B 474 -26.51 -28.19 29.80
C GLY B 474 -25.15 -27.56 30.01
N PRO B 475 -24.10 -28.38 30.00
CA PRO B 475 -22.75 -27.82 30.15
C PRO B 475 -22.37 -26.99 28.93
N SER B 476 -21.49 -26.03 29.15
CA SER B 476 -21.01 -25.19 28.06
C SER B 476 -20.23 -26.05 27.08
N GLY B 477 -20.66 -26.06 25.82
CA GLY B 477 -20.07 -26.92 24.83
C GLY B 477 -20.76 -28.25 24.67
N CYS B 478 -21.90 -28.47 25.32
CA CYS B 478 -22.70 -29.66 25.10
C CYS B 478 -23.35 -29.68 23.73
N GLY B 479 -23.33 -28.55 23.01
CA GLY B 479 -23.92 -28.47 21.70
C GLY B 479 -25.32 -27.89 21.67
N LYS B 480 -25.78 -27.31 22.77
CA LYS B 480 -27.07 -26.62 22.77
C LYS B 480 -27.06 -25.43 21.82
N SER B 481 -25.87 -24.90 21.50
CA SER B 481 -25.71 -23.75 20.64
C SER B 481 -26.15 -24.00 19.21
N THR B 482 -26.38 -25.25 18.81
CA THR B 482 -26.91 -25.53 17.50
C THR B 482 -28.43 -25.54 17.46
N LEU B 483 -29.11 -25.47 18.61
CA LEU B 483 -30.56 -25.47 18.62
C LEU B 483 -31.12 -24.31 17.81
N LEU B 484 -30.41 -23.19 17.80
CA LEU B 484 -30.64 -22.13 16.83
C LEU B 484 -30.58 -22.63 15.41
N ARG B 485 -29.37 -23.03 15.00
CA ARG B 485 -29.05 -23.18 13.59
C ARG B 485 -29.87 -24.27 12.95
N LEU B 486 -30.39 -25.17 13.77
CA LEU B 486 -31.21 -26.24 13.23
C LEU B 486 -32.66 -25.81 13.05
N LEU B 487 -33.21 -25.04 13.99
CA LEU B 487 -34.58 -24.57 13.84
C LEU B 487 -34.68 -23.44 12.83
N PHE B 488 -33.75 -22.50 12.88
CA PHE B 488 -33.79 -21.38 11.96
C PHE B 488 -33.46 -21.81 10.54
N ARG B 489 -33.01 -23.05 10.37
CA ARG B 489 -32.76 -23.67 9.07
C ARG B 489 -31.61 -22.96 8.36
N SER B 490 -30.56 -22.68 9.11
CA SER B 490 -29.28 -22.40 8.52
C SER B 490 -28.47 -23.67 8.27
N TYR B 491 -28.88 -24.76 8.90
CA TYR B 491 -28.39 -26.10 8.61
C TYR B 491 -29.60 -27.01 8.46
N ASP B 492 -29.35 -28.21 7.98
CA ASP B 492 -30.46 -29.14 7.92
C ASP B 492 -30.22 -30.34 8.82
N PRO B 493 -31.29 -30.95 9.34
CA PRO B 493 -31.13 -32.18 10.10
C PRO B 493 -30.76 -33.32 9.17
N GLN B 494 -29.64 -33.99 9.49
CA GLN B 494 -29.22 -35.12 8.66
C GLN B 494 -30.19 -36.27 8.76
N GLN B 495 -30.67 -36.57 9.96
CA GLN B 495 -31.82 -37.45 10.16
C GLN B 495 -32.69 -36.85 11.25
N GLY B 496 -33.94 -37.31 11.28
CA GLY B 496 -34.93 -36.72 12.16
C GLY B 496 -35.61 -35.55 11.49
N LYS B 497 -36.61 -35.01 12.18
CA LYS B 497 -37.38 -33.94 11.59
C LYS B 497 -37.70 -32.87 12.63
N ILE B 498 -37.85 -31.65 12.13
CA ILE B 498 -38.18 -30.48 12.94
C ILE B 498 -39.57 -30.02 12.54
N PHE B 499 -40.41 -29.76 13.53
CA PHE B 499 -41.79 -29.42 13.27
C PHE B 499 -42.15 -28.12 13.96
N ILE B 500 -42.87 -27.27 13.25
CA ILE B 500 -43.57 -26.15 13.86
C ILE B 500 -45.04 -26.33 13.57
N ASP B 501 -45.82 -26.56 14.63
CA ASP B 501 -47.26 -26.78 14.53
C ASP B 501 -47.58 -27.93 13.59
N ASP B 502 -46.87 -29.05 13.80
CA ASP B 502 -47.11 -30.32 13.11
C ASP B 502 -46.96 -30.20 11.60
N GLN B 503 -46.05 -29.32 11.17
CA GLN B 503 -45.64 -29.25 9.78
C GLN B 503 -44.14 -29.03 9.73
N ASP B 504 -43.48 -29.70 8.79
CA ASP B 504 -42.04 -29.70 8.72
C ASP B 504 -41.53 -28.37 8.18
N ILE B 505 -40.47 -27.86 8.82
CA ILE B 505 -39.86 -26.62 8.36
C ILE B 505 -39.26 -26.80 6.98
N LYS B 506 -38.84 -28.01 6.63
CA LYS B 506 -38.29 -28.28 5.31
C LYS B 506 -39.34 -28.19 4.21
N SER B 507 -40.62 -28.07 4.57
CA SER B 507 -41.66 -27.80 3.61
C SER B 507 -42.12 -26.35 3.60
N VAL B 508 -41.98 -25.64 4.71
CA VAL B 508 -42.48 -24.28 4.83
C VAL B 508 -41.54 -23.35 4.08
N THR B 509 -42.10 -22.27 3.54
CA THR B 509 -41.32 -21.26 2.81
C THR B 509 -40.20 -20.72 3.68
N LEU B 510 -39.01 -20.66 3.10
CA LEU B 510 -37.82 -20.32 3.88
C LEU B 510 -37.87 -18.88 4.36
N GLU B 511 -38.34 -17.96 3.52
CA GLU B 511 -38.55 -16.58 3.98
C GLU B 511 -39.60 -16.52 5.07
N SER B 512 -40.66 -17.31 4.92
CA SER B 512 -41.72 -17.35 5.92
C SER B 512 -41.21 -17.96 7.22
N LEU B 513 -40.34 -18.97 7.11
CA LEU B 513 -39.75 -19.57 8.29
C LEU B 513 -38.87 -18.57 9.03
N ARG B 514 -37.95 -17.94 8.30
CA ARG B 514 -37.00 -17.04 8.93
C ARG B 514 -37.68 -15.77 9.43
N LYS B 515 -38.84 -15.44 8.87
CA LYS B 515 -39.62 -14.33 9.40
C LYS B 515 -40.14 -14.65 10.80
N SER B 516 -40.46 -15.92 11.05
CA SER B 516 -41.17 -16.27 12.27
C SER B 516 -40.27 -16.20 13.50
N ILE B 517 -39.00 -16.52 13.35
CA ILE B 517 -38.12 -16.59 14.51
C ILE B 517 -37.31 -15.31 14.62
N GLY B 518 -37.27 -14.76 15.84
CA GLY B 518 -36.34 -13.71 16.18
C GLY B 518 -35.27 -14.28 17.10
N VAL B 519 -34.07 -13.71 17.01
CA VAL B 519 -32.90 -14.29 17.65
C VAL B 519 -32.19 -13.21 18.42
N VAL B 520 -31.89 -13.46 19.69
CA VAL B 520 -30.89 -12.68 20.40
C VAL B 520 -29.61 -13.52 20.37
N PRO B 521 -28.61 -13.14 19.60
CA PRO B 521 -27.41 -13.96 19.49
C PRO B 521 -26.55 -13.86 20.73
N GLN B 522 -25.56 -14.74 20.80
CA GLN B 522 -24.61 -14.71 21.91
C GLN B 522 -23.74 -13.47 21.83
N ASP B 523 -23.14 -13.21 20.68
CA ASP B 523 -22.34 -12.01 20.45
C ASP B 523 -23.13 -11.10 19.52
N THR B 524 -23.50 -9.95 20.03
CA THR B 524 -24.26 -9.00 19.24
C THR B 524 -23.35 -8.32 18.23
N PRO B 525 -23.63 -8.41 16.94
CA PRO B 525 -22.78 -7.75 15.95
C PRO B 525 -23.14 -6.29 15.80
N LEU B 526 -22.15 -5.49 15.42
CA LEU B 526 -22.31 -4.05 15.30
C LEU B 526 -21.97 -3.61 13.90
N PHE B 527 -22.98 -3.18 13.14
CA PHE B 527 -22.73 -2.49 11.90
C PHE B 527 -22.13 -1.12 12.21
N ASN B 528 -21.13 -0.73 11.43
CA ASN B 528 -20.46 0.55 11.61
C ASN B 528 -21.39 1.66 11.15
N ASP B 529 -22.32 2.00 12.02
CA ASP B 529 -23.36 2.97 11.70
C ASP B 529 -23.88 3.55 13.00
N THR B 530 -25.04 4.20 12.93
CA THR B 530 -25.59 4.84 14.11
C THR B 530 -26.04 3.78 15.11
N VAL B 531 -26.29 4.23 16.34
CA VAL B 531 -27.08 3.41 17.25
C VAL B 531 -28.51 3.30 16.71
N GLU B 532 -29.00 4.37 16.09
CA GLU B 532 -30.36 4.35 15.57
C GLU B 532 -30.53 3.30 14.49
N LEU B 533 -29.55 3.17 13.60
CA LEU B 533 -29.70 2.15 12.56
C LEU B 533 -29.57 0.75 13.11
N ASN B 534 -28.73 0.55 14.13
CA ASN B 534 -28.65 -0.77 14.73
C ASN B 534 -29.95 -1.13 15.44
N ILE B 535 -30.66 -0.16 16.01
CA ILE B 535 -32.01 -0.47 16.45
C ILE B 535 -32.89 -0.78 15.26
N ARG B 536 -32.79 0.04 14.21
CA ARG B 536 -33.72 -0.03 13.09
C ARG B 536 -33.61 -1.35 12.36
N TYR B 537 -32.46 -2.00 12.48
CA TYR B 537 -32.16 -3.13 11.61
C TYR B 537 -33.07 -4.32 11.88
N GLY B 538 -33.77 -4.31 13.02
CA GLY B 538 -34.78 -5.33 13.25
C GLY B 538 -35.91 -5.25 12.25
N ASN B 539 -36.42 -4.05 12.01
CA ASN B 539 -37.45 -3.84 10.99
C ASN B 539 -37.11 -2.53 10.30
N VAL B 540 -36.47 -2.62 9.12
CA VAL B 540 -35.92 -1.46 8.46
C VAL B 540 -36.96 -0.46 7.99
N ASN B 541 -38.22 -0.84 7.95
CA ASN B 541 -39.29 0.08 7.55
C ASN B 541 -39.94 0.77 8.74
N ALA B 542 -39.43 0.56 9.94
CA ALA B 542 -40.03 1.17 11.12
C ALA B 542 -39.69 2.65 11.18
N THR B 543 -40.60 3.43 11.76
CA THR B 543 -40.40 4.85 11.94
C THR B 543 -39.52 5.12 13.15
N GLN B 544 -39.10 6.38 13.27
CA GLN B 544 -38.20 6.77 14.35
C GLN B 544 -38.86 6.62 15.71
N GLU B 545 -40.15 6.95 15.81
CA GLU B 545 -40.86 6.75 17.07
C GLU B 545 -40.94 5.28 17.44
N GLN B 546 -41.03 4.39 16.44
CA GLN B 546 -40.97 2.96 16.72
C GLN B 546 -39.60 2.58 17.27
N VAL B 547 -38.54 3.16 16.72
CA VAL B 547 -37.18 2.91 17.19
C VAL B 547 -37.03 3.33 18.64
N ILE B 548 -37.52 4.52 18.96
CA ILE B 548 -37.41 5.03 20.33
C ILE B 548 -38.28 4.21 21.27
N ALA B 549 -39.45 3.78 20.81
CA ALA B 549 -40.30 2.94 21.64
C ALA B 549 -39.66 1.59 21.93
N ALA B 550 -38.97 1.03 20.95
CA ALA B 550 -38.27 -0.23 21.16
C ALA B 550 -37.11 -0.07 22.13
N ALA B 551 -36.36 1.01 22.00
CA ALA B 551 -35.29 1.28 22.96
C ALA B 551 -35.86 1.54 24.35
N GLN B 552 -37.08 2.08 24.44
CA GLN B 552 -37.75 2.22 25.72
C GLN B 552 -38.08 0.87 26.31
N LYS B 553 -38.74 0.01 25.53
CA LYS B 553 -39.19 -1.27 26.05
C LYS B 553 -38.04 -2.16 26.46
N ALA B 554 -36.89 -2.05 25.79
CA ALA B 554 -35.73 -2.77 26.27
C ALA B 554 -34.80 -1.88 27.11
N HIS B 555 -35.25 -0.68 27.45
CA HIS B 555 -34.59 0.19 28.44
C HIS B 555 -33.17 0.56 28.01
N ILE B 556 -33.10 1.31 26.92
CA ILE B 556 -31.83 1.88 26.47
C ILE B 556 -31.90 3.40 26.37
N HIS B 557 -33.10 3.98 26.22
CA HIS B 557 -33.23 5.32 25.68
C HIS B 557 -32.53 6.36 26.55
N GLU B 558 -32.46 6.12 27.86
CA GLU B 558 -31.68 7.00 28.72
C GLU B 558 -30.19 6.92 28.38
N LYS B 559 -29.71 5.72 28.01
CA LYS B 559 -28.29 5.60 27.67
C LYS B 559 -27.96 6.23 26.33
N ILE B 560 -28.90 6.18 25.37
CA ILE B 560 -28.63 6.83 24.10
C ILE B 560 -28.85 8.34 24.20
N ILE B 561 -29.65 8.80 25.17
CA ILE B 561 -29.67 10.23 25.46
C ILE B 561 -28.36 10.66 26.11
N SER B 562 -27.82 9.83 27.00
CA SER B 562 -26.58 10.16 27.70
C SER B 562 -25.38 10.24 26.76
N TRP B 563 -25.45 9.61 25.60
CA TRP B 563 -24.40 9.75 24.61
C TRP B 563 -24.41 11.17 24.05
N PRO B 564 -23.26 11.65 23.53
CA PRO B 564 -23.18 13.04 23.06
C PRO B 564 -24.19 13.40 21.98
N HIS B 565 -24.16 12.70 20.85
CA HIS B 565 -24.99 13.09 19.72
C HIS B 565 -26.39 12.52 19.77
N GLY B 566 -26.70 11.69 20.77
CA GLY B 566 -28.02 11.09 20.88
C GLY B 566 -28.09 9.74 20.20
N TYR B 567 -29.28 9.36 19.72
CA TYR B 567 -29.39 8.10 19.00
C TYR B 567 -28.68 8.15 17.65
N GLN B 568 -28.24 9.32 17.21
CA GLN B 568 -27.40 9.47 16.04
C GLN B 568 -25.93 9.21 16.34
N THR B 569 -25.62 8.67 17.51
CA THR B 569 -24.24 8.39 17.89
C THR B 569 -23.61 7.42 16.92
N ARG B 570 -22.41 7.72 16.48
CA ARG B 570 -21.69 6.79 15.63
C ARG B 570 -21.07 5.69 16.46
N VAL B 571 -21.54 4.46 16.24
CA VAL B 571 -21.18 3.31 17.07
C VAL B 571 -20.62 2.22 16.16
N GLY B 572 -19.78 1.37 16.74
CA GLY B 572 -19.22 0.24 16.03
C GLY B 572 -17.77 0.02 16.39
N GLU B 573 -17.07 -0.72 15.52
CA GLU B 573 -15.64 -0.93 15.71
C GLU B 573 -14.88 0.37 15.64
N ARG B 574 -15.28 1.28 14.75
CA ARG B 574 -14.66 2.59 14.61
C ARG B 574 -15.57 3.68 15.15
N GLY B 575 -16.25 3.42 16.25
CA GLY B 575 -17.12 4.42 16.84
C GLY B 575 -17.05 4.47 18.34
N LEU B 576 -18.11 4.95 18.98
CA LEU B 576 -18.22 4.97 20.43
C LEU B 576 -18.37 3.54 20.93
N MET B 577 -17.36 3.04 21.65
CA MET B 577 -17.44 1.70 22.21
C MET B 577 -18.56 1.63 23.26
N ILE B 578 -19.30 0.54 23.25
CA ILE B 578 -20.33 0.31 24.26
C ILE B 578 -20.10 -1.05 24.90
N SER B 579 -20.56 -1.21 26.13
CA SER B 579 -20.34 -2.42 26.88
C SER B 579 -21.22 -3.55 26.34
N GLY B 580 -20.88 -4.77 26.77
CA GLY B 580 -21.63 -5.93 26.34
C GLY B 580 -23.09 -5.89 26.77
N GLY B 581 -23.37 -5.31 27.94
CA GLY B 581 -24.75 -5.20 28.38
C GLY B 581 -25.57 -4.28 27.50
N GLU B 582 -24.99 -3.16 27.09
CA GLU B 582 -25.68 -2.26 26.18
C GLU B 582 -25.87 -2.90 24.81
N LYS B 583 -24.88 -3.70 24.36
CA LYS B 583 -25.04 -4.44 23.11
C LYS B 583 -26.17 -5.44 23.21
N GLN B 584 -26.28 -6.12 24.34
CA GLN B 584 -27.35 -7.09 24.51
C GLN B 584 -28.71 -6.42 24.54
N ARG B 585 -28.81 -5.28 25.23
CA ARG B 585 -30.07 -4.51 25.18
C ARG B 585 -30.37 -4.04 23.77
N LEU B 586 -29.32 -3.69 23.02
CA LEU B 586 -29.48 -3.29 21.63
C LEU B 586 -30.08 -4.42 20.81
N ALA B 587 -29.57 -5.63 20.99
CA ALA B 587 -30.12 -6.79 20.29
C ALA B 587 -31.56 -7.07 20.71
N VAL B 588 -31.86 -6.93 22.01
CA VAL B 588 -33.21 -7.14 22.49
C VAL B 588 -34.16 -6.15 21.81
N SER B 589 -33.74 -4.90 21.69
CA SER B 589 -34.54 -3.90 21.01
C SER B 589 -34.74 -4.23 19.54
N ARG B 590 -33.70 -4.73 18.88
CA ARG B 590 -33.86 -5.25 17.52
C ARG B 590 -34.97 -6.27 17.46
N LEU B 591 -34.94 -7.23 18.38
CA LEU B 591 -35.93 -8.30 18.40
C LEU B 591 -37.33 -7.76 18.63
N ILE B 592 -37.46 -6.81 19.55
CA ILE B 592 -38.76 -6.21 19.86
C ILE B 592 -39.30 -5.49 18.64
N LEU B 593 -38.44 -4.76 17.94
CA LEU B 593 -38.89 -4.04 16.76
C LEU B 593 -39.26 -5.00 15.64
N LYS B 594 -38.61 -6.17 15.57
CA LYS B 594 -39.01 -7.18 14.60
C LYS B 594 -40.41 -7.71 14.90
N ASP B 595 -40.71 -7.96 16.17
CA ASP B 595 -41.95 -8.53 16.69
C ASP B 595 -42.19 -9.85 15.95
N PRO B 596 -41.48 -10.92 16.30
CA PRO B 596 -41.75 -12.23 15.71
C PRO B 596 -42.56 -13.10 16.65
N PRO B 597 -43.31 -14.07 16.12
CA PRO B 597 -44.01 -15.01 17.00
C PRO B 597 -43.08 -15.89 17.84
N LEU B 598 -41.91 -16.26 17.31
CA LEU B 598 -40.99 -17.19 17.94
C LEU B 598 -39.78 -16.42 18.42
N LEU B 599 -39.28 -16.72 19.60
CA LEU B 599 -38.14 -15.99 20.14
C LEU B 599 -37.08 -16.95 20.66
N PHE B 600 -35.83 -16.69 20.32
CA PHE B 600 -34.68 -17.34 20.92
C PHE B 600 -33.79 -16.33 21.60
N PHE B 601 -33.11 -16.76 22.65
CA PHE B 601 -32.24 -15.91 23.45
C PHE B 601 -30.91 -16.58 23.70
N ASP B 602 -30.26 -17.01 22.62
CA ASP B 602 -29.18 -18.00 22.75
C ASP B 602 -27.94 -17.38 23.36
N GLN B 603 -27.63 -17.82 24.58
CA GLN B 603 -26.43 -17.39 25.31
C GLN B 603 -26.38 -15.88 25.48
N ALA B 604 -27.52 -15.29 25.81
CA ALA B 604 -27.52 -13.89 26.21
C ALA B 604 -26.80 -13.70 27.54
N THR B 605 -26.68 -14.78 28.31
CA THR B 605 -26.04 -14.73 29.62
C THR B 605 -24.53 -14.95 29.51
N SER B 606 -23.97 -14.80 28.31
CA SER B 606 -22.53 -14.87 28.18
C SER B 606 -21.84 -13.62 28.71
N ALA B 607 -22.60 -12.57 29.03
CA ALA B 607 -22.01 -11.38 29.63
C ALA B 607 -21.46 -11.68 31.01
N LEU B 608 -20.39 -10.96 31.38
CA LEU B 608 -19.68 -11.27 32.61
C LEU B 608 -20.50 -10.92 33.85
N ASP B 609 -21.10 -9.74 33.88
CA ASP B 609 -21.71 -9.23 35.10
C ASP B 609 -23.00 -10.01 35.39
N THR B 610 -23.14 -10.44 36.64
CA THR B 610 -24.38 -11.11 37.03
C THR B 610 -25.51 -10.11 37.19
N HIS B 611 -25.20 -8.87 37.57
CA HIS B 611 -26.26 -7.89 37.79
C HIS B 611 -26.85 -7.42 36.47
N THR B 612 -25.99 -7.15 35.48
CA THR B 612 -26.48 -6.73 34.18
C THR B 612 -27.34 -7.80 33.54
N GLU B 613 -26.94 -9.07 33.69
CA GLU B 613 -27.77 -10.14 33.15
C GLU B 613 -29.05 -10.32 33.96
N GLN B 614 -29.04 -9.95 35.24
CA GLN B 614 -30.30 -9.94 35.99
C GLN B 614 -31.27 -8.94 35.39
N ALA B 615 -30.78 -7.73 35.11
CA ALA B 615 -31.63 -6.73 34.47
C ALA B 615 -32.08 -7.20 33.09
N LEU B 616 -31.18 -7.83 32.34
CA LEU B 616 -31.48 -8.28 30.99
C LEU B 616 -32.54 -9.37 31.00
N MET B 617 -32.38 -10.37 31.88
CA MET B 617 -33.41 -11.39 32.03
C MET B 617 -34.72 -10.79 32.49
N ALA B 618 -34.69 -9.84 33.40
CA ALA B 618 -35.93 -9.19 33.82
C ALA B 618 -36.65 -8.58 32.62
N ASN B 619 -35.93 -7.74 31.86
CA ASN B 619 -36.54 -7.02 30.75
C ASN B 619 -37.06 -7.97 29.68
N ILE B 620 -36.31 -9.03 29.38
CA ILE B 620 -36.79 -9.96 28.38
C ILE B 620 -37.99 -10.74 28.91
N ASN B 621 -38.08 -10.92 30.22
CA ASN B 621 -39.32 -11.49 30.75
C ASN B 621 -40.50 -10.58 30.53
N GLU B 622 -40.39 -9.28 30.84
CA GLU B 622 -41.58 -8.44 30.67
C GLU B 622 -41.95 -8.31 29.20
N VAL B 623 -40.98 -8.42 28.29
CA VAL B 623 -41.37 -8.34 26.88
C VAL B 623 -41.92 -9.69 26.40
N VAL B 624 -41.53 -10.79 27.05
CA VAL B 624 -42.16 -12.07 26.74
C VAL B 624 -43.59 -12.11 27.26
N LYS B 625 -43.81 -11.64 28.48
CA LYS B 625 -45.03 -11.93 29.24
C LYS B 625 -46.27 -11.38 28.53
N GLU B 626 -47.33 -12.18 28.56
CA GLU B 626 -48.71 -11.83 28.19
C GLU B 626 -48.92 -11.71 26.69
N LYS B 627 -47.87 -11.76 25.87
CA LYS B 627 -48.03 -11.62 24.44
C LYS B 627 -47.97 -12.95 23.71
N LYS B 628 -48.01 -14.07 24.43
CA LYS B 628 -47.94 -15.42 23.89
C LYS B 628 -46.69 -15.61 23.05
N ARG B 629 -45.59 -15.00 23.46
CA ARG B 629 -44.33 -15.09 22.73
C ARG B 629 -43.63 -16.37 23.17
N THR B 630 -43.65 -17.38 22.31
CA THR B 630 -42.99 -18.65 22.57
C THR B 630 -41.49 -18.41 22.64
N ALA B 631 -40.92 -18.49 23.84
CA ALA B 631 -39.55 -18.10 24.07
C ALA B 631 -38.71 -19.32 24.44
N LEU B 632 -37.58 -19.49 23.77
CA LEU B 632 -36.59 -20.49 24.15
C LEU B 632 -35.33 -19.77 24.58
N PHE B 633 -34.83 -20.15 25.75
CA PHE B 633 -33.67 -19.53 26.34
C PHE B 633 -32.60 -20.59 26.37
N VAL B 634 -31.48 -20.35 25.73
CA VAL B 634 -30.37 -21.30 25.76
C VAL B 634 -29.24 -20.65 26.53
N ALA B 635 -29.08 -21.06 27.79
CA ALA B 635 -28.11 -20.43 28.68
C ALA B 635 -27.32 -21.52 29.39
N HIS B 636 -26.10 -21.19 29.77
CA HIS B 636 -25.24 -22.14 30.47
C HIS B 636 -25.37 -22.05 31.99
N ARG B 637 -26.10 -21.05 32.50
CA ARG B 637 -26.32 -20.90 33.94
C ARG B 637 -27.82 -21.00 34.19
N LEU B 638 -28.26 -22.14 34.74
CA LEU B 638 -29.67 -22.33 35.04
C LEU B 638 -30.15 -21.43 36.16
N ARG B 639 -29.24 -20.97 37.01
CA ARG B 639 -29.61 -20.02 38.06
C ARG B 639 -30.18 -18.74 37.47
N THR B 640 -29.71 -18.34 36.29
CA THR B 640 -30.27 -17.20 35.61
C THR B 640 -31.71 -17.46 35.17
N ILE B 641 -32.05 -18.70 34.84
CA ILE B 641 -33.36 -18.95 34.26
C ILE B 641 -34.05 -20.14 34.95
N TYR B 642 -33.82 -20.27 36.24
CA TYR B 642 -34.55 -21.26 37.04
C TYR B 642 -36.05 -21.02 37.01
N ASP B 643 -36.49 -19.78 36.78
CA ASP B 643 -37.89 -19.35 36.79
C ASP B 643 -38.67 -19.70 35.52
N ALA B 644 -38.17 -20.46 34.56
CA ALA B 644 -38.90 -20.70 33.33
C ALA B 644 -40.11 -21.61 33.57
N ASP B 645 -41.08 -21.52 32.66
CA ASP B 645 -42.25 -22.41 32.73
C ASP B 645 -41.84 -23.87 32.59
N LEU B 646 -40.96 -24.15 31.63
CA LEU B 646 -40.45 -25.50 31.42
C LEU B 646 -38.94 -25.45 31.27
N ILE B 647 -38.25 -26.42 31.85
CA ILE B 647 -36.80 -26.52 31.72
C ILE B 647 -36.47 -27.88 31.16
N ILE B 648 -35.81 -27.91 30.02
CA ILE B 648 -35.37 -29.13 29.35
C ILE B 648 -33.87 -29.20 29.45
N VAL B 649 -33.36 -30.32 29.97
CA VAL B 649 -31.93 -30.50 30.12
C VAL B 649 -31.43 -31.32 28.94
N LEU B 650 -30.15 -31.17 28.62
CA LEU B 650 -29.52 -31.87 27.52
C LEU B 650 -28.14 -32.34 27.95
N LYS B 651 -27.94 -33.65 27.97
CA LYS B 651 -26.66 -34.27 28.32
C LYS B 651 -26.15 -34.96 27.07
N GLU B 652 -25.36 -34.23 26.27
CA GLU B 652 -24.64 -34.76 25.12
C GLU B 652 -25.58 -35.38 24.09
N GLY B 653 -26.41 -34.53 23.48
CA GLY B 653 -27.19 -34.91 22.34
C GLY B 653 -28.50 -35.61 22.62
N VAL B 654 -28.88 -35.78 23.90
CA VAL B 654 -30.13 -36.41 24.27
C VAL B 654 -30.79 -35.61 25.38
N VAL B 655 -32.12 -35.51 25.31
CA VAL B 655 -32.89 -34.91 26.38
C VAL B 655 -33.07 -35.92 27.50
N VAL B 656 -32.75 -35.50 28.72
CA VAL B 656 -32.76 -36.45 29.84
C VAL B 656 -34.02 -36.27 30.67
N GLU B 657 -34.20 -35.09 31.28
CA GLU B 657 -35.35 -34.87 32.14
C GLU B 657 -35.92 -33.47 31.91
N GLN B 658 -37.08 -33.23 32.51
CA GLN B 658 -37.82 -31.98 32.34
C GLN B 658 -38.44 -31.63 33.70
N GLY B 659 -38.28 -30.40 34.15
CA GLY B 659 -38.83 -30.07 35.46
C GLY B 659 -38.92 -28.60 35.85
N SER B 660 -38.72 -28.34 37.13
CA SER B 660 -38.78 -27.02 37.75
C SER B 660 -37.39 -26.61 38.21
N HIS B 661 -37.33 -25.52 38.98
CA HIS B 661 -36.03 -25.06 39.47
C HIS B 661 -35.40 -26.05 40.44
N ARG B 662 -36.16 -26.46 41.46
CA ARG B 662 -35.57 -27.19 42.58
C ARG B 662 -35.21 -28.62 42.19
N GLU B 663 -36.11 -29.31 41.50
CA GLU B 663 -35.89 -30.68 41.12
C GLU B 663 -34.82 -30.84 40.05
N LEU B 664 -34.36 -29.75 39.45
CA LEU B 664 -33.26 -29.78 38.49
C LEU B 664 -32.01 -29.07 38.98
N MET B 665 -32.10 -28.32 40.08
CA MET B 665 -30.97 -27.72 40.75
C MET B 665 -30.17 -28.76 41.54
N GLU B 666 -30.74 -29.96 41.72
CA GLU B 666 -30.06 -31.06 42.41
C GLU B 666 -28.80 -31.51 41.70
N ARG B 667 -28.63 -31.16 40.42
CA ARG B 667 -27.43 -31.51 39.69
C ARG B 667 -26.27 -30.60 40.11
N ASP B 668 -25.16 -30.71 39.41
CA ASP B 668 -23.96 -29.95 39.75
C ASP B 668 -24.09 -28.53 39.21
N GLY B 669 -22.97 -27.81 39.21
CA GLY B 669 -22.96 -26.45 38.69
C GLY B 669 -23.75 -25.47 39.51
N VAL B 670 -23.93 -25.74 40.80
CA VAL B 670 -24.79 -24.91 41.64
C VAL B 670 -24.15 -23.55 41.85
N TYR B 671 -24.95 -22.58 42.28
CA TYR B 671 -24.47 -21.24 42.56
C TYR B 671 -23.85 -21.12 43.95
N ALA B 672 -23.55 -22.25 44.59
CA ALA B 672 -22.90 -22.22 45.90
C ALA B 672 -21.50 -21.65 45.83
N GLU B 673 -20.86 -21.72 44.66
CA GLU B 673 -19.58 -21.06 44.43
C GLU B 673 -19.74 -19.73 43.70
N LEU B 674 -20.96 -19.23 43.56
CA LEU B 674 -21.20 -17.93 42.97
C LEU B 674 -21.80 -16.96 43.98
#